data_4NV3
#
_entry.id   4NV3
#
_cell.length_a   98.869
_cell.length_b   100.932
_cell.length_c   150.445
_cell.angle_alpha   90.00
_cell.angle_beta   90.00
_cell.angle_gamma   90.00
#
_symmetry.space_group_name_H-M   'C 2 2 21'
#
loop_
_entity.id
_entity.type
_entity.pdbx_description
1 polymer 'Amino acid/amide ABC transporter substrate-binding protein, HAAT family'
2 non-polymer VALINE
3 non-polymer 'MAGNESIUM ION'
4 non-polymer 'ACETATE ION'
5 water water
#
_entity_poly.entity_id   1
_entity_poly.type   'polypeptide(L)'
_entity_poly.pdbx_seq_one_letter_code
;SNATNTDTNSTNNSPNNTTNTTTNVTTTSDKNTIPIGIALAQTSNVALLGQEQVAGAKIAEKYFNDKGGVNGTPIKLIFQ
DTAGDEAGTINAFQTLINKDKVVGIVGPTLSQQAFSANPIAERAKVPVVGPSNTAKGIPEIGDYVARVSAPVSVVAPNSV
KAALKQNPNIKKVAVFFAQNDAFSKSETEIFQQTVKDQGLELVTVQKFQTTDTDFQSQATNAINLKPDLVIISGLAADGG
NLVRQLRELGYQGAIIGGDGLNTSNVFAVCKALCDGVLIAQAYSPEYTGEINKAFRQAYVDQYKKEPPQFSAQAFAAVQV
YVESLKALDTKNKVSKIQLPELRTELNKQLLTGKYNTPLGEISFTPIGEVVQKDFYVAQIK(MSE)EKDGSQGKFTFLK
;
_entity_poly.pdbx_strand_id   A,B
#
# COMPACT_ATOMS: atom_id res chain seq x y z
N ASN A 32 6.61 -10.47 36.90
CA ASN A 32 5.77 -9.79 35.93
C ASN A 32 6.54 -8.79 35.07
N THR A 33 6.28 -8.84 33.77
CA THR A 33 6.96 -7.97 32.80
C THR A 33 5.95 -7.46 31.77
N ILE A 34 6.33 -6.41 31.06
CA ILE A 34 5.49 -5.83 30.02
C ILE A 34 6.01 -6.25 28.65
N PRO A 35 5.20 -7.00 27.88
CA PRO A 35 5.70 -7.55 26.61
C PRO A 35 5.61 -6.54 25.45
N ILE A 36 6.74 -6.35 24.78
CA ILE A 36 6.81 -5.50 23.60
C ILE A 36 7.28 -6.38 22.45
N GLY A 37 6.54 -6.39 21.35
CA GLY A 37 6.90 -7.25 20.23
C GLY A 37 7.94 -6.62 19.32
N ILE A 38 8.89 -7.44 18.88
CA ILE A 38 9.89 -7.02 17.92
C ILE A 38 9.74 -7.93 16.71
N ALA A 39 9.28 -7.36 15.60
CA ALA A 39 9.02 -8.11 14.38
C ALA A 39 9.96 -7.59 13.30
N LEU A 40 11.10 -8.26 13.16
CA LEU A 40 12.15 -7.84 12.25
C LEU A 40 12.62 -9.02 11.44
N ALA A 41 13.33 -8.74 10.35
CA ALA A 41 13.88 -9.81 9.53
C ALA A 41 15.13 -10.39 10.18
N GLN A 42 14.97 -11.54 10.81
CA GLN A 42 16.08 -12.24 11.45
C GLN A 42 16.64 -13.34 10.56
N THR A 43 15.88 -13.70 9.52
CA THR A 43 16.33 -14.63 8.49
C THR A 43 16.01 -14.03 7.13
N SER A 44 16.52 -14.69 6.08
CA SER A 44 16.49 -14.24 4.68
C SER A 44 17.56 -13.18 4.42
N ASN A 45 17.75 -12.82 3.16
CA ASN A 45 18.66 -11.73 2.85
C ASN A 45 18.21 -10.39 3.42
N VAL A 46 16.95 -10.26 3.82
CA VAL A 46 16.50 -9.05 4.46
C VAL A 46 17.15 -8.91 5.85
N ALA A 47 17.62 -10.03 6.41
CA ALA A 47 18.33 -9.98 7.69
C ALA A 47 19.69 -9.30 7.59
N LEU A 48 20.20 -9.08 6.37
CA LEU A 48 21.40 -8.26 6.20
C LEU A 48 21.17 -6.84 6.70
N LEU A 49 19.90 -6.43 6.75
CA LEU A 49 19.47 -5.17 7.34
C LEU A 49 18.92 -5.40 8.76
N GLY A 50 18.11 -6.43 8.92
CA GLY A 50 17.43 -6.68 10.18
C GLY A 50 18.32 -7.01 11.36
N GLN A 51 19.43 -7.70 11.12
N GLN A 51 19.44 -7.69 11.12
CA GLN A 51 20.31 -8.09 12.24
CA GLN A 51 20.62 -8.93 12.90
CA GLN A 51 20.28 -8.10 12.24
C GLN A 51 20.82 -6.89 13.03
C GLN A 51 20.84 -6.91 13.03
N GLU A 52 21.15 -5.81 12.34
CA GLU A 52 21.62 -4.60 13.03
C GLU A 52 20.50 -4.01 13.90
N GLN A 53 19.27 -4.14 13.42
CA GLN A 53 18.13 -3.67 14.17
C GLN A 53 17.94 -4.49 15.44
N VAL A 54 18.03 -5.81 15.32
CA VAL A 54 17.96 -6.67 16.48
C VAL A 54 19.03 -6.29 17.51
N ALA A 55 20.24 -6.02 17.04
CA ALA A 55 21.33 -5.63 17.93
C ALA A 55 20.98 -4.36 18.72
N GLY A 56 20.42 -3.36 18.04
CA GLY A 56 20.02 -2.14 18.70
C GLY A 56 18.89 -2.35 19.70
N ALA A 57 17.92 -3.19 19.34
CA ALA A 57 16.81 -3.48 20.23
C ALA A 57 17.30 -4.16 21.50
N LYS A 58 18.23 -5.11 21.38
CA LYS A 58 18.75 -5.79 22.56
C LYS A 58 19.53 -4.85 23.48
N ILE A 59 20.31 -3.94 22.89
CA ILE A 59 21.00 -2.93 23.68
C ILE A 59 19.98 -2.07 24.44
N ALA A 60 18.89 -1.71 23.78
CA ALA A 60 17.85 -0.93 24.43
C ALA A 60 17.21 -1.70 25.59
N GLU A 61 16.93 -2.98 25.38
CA GLU A 61 16.29 -3.75 26.44
C GLU A 61 17.11 -3.72 27.72
N LYS A 62 18.42 -3.95 27.59
CA LYS A 62 19.29 -3.91 28.75
C LYS A 62 19.38 -2.51 29.34
N TYR A 63 19.56 -1.50 28.48
CA TYR A 63 19.68 -0.13 28.95
C TYR A 63 18.47 0.29 29.78
N PHE A 64 17.28 0.03 29.23
CA PHE A 64 16.06 0.44 29.93
C PHE A 64 15.72 -0.43 31.13
N ASN A 65 15.94 -1.73 31.04
CA ASN A 65 15.70 -2.58 32.20
C ASN A 65 16.67 -2.31 33.35
N ASP A 66 17.92 -1.97 33.03
CA ASP A 66 18.88 -1.60 34.07
C ASP A 66 18.46 -0.32 34.79
N LYS A 67 17.65 0.50 34.12
CA LYS A 67 17.09 1.71 34.72
C LYS A 67 15.74 1.47 35.39
N GLY A 68 15.35 0.20 35.53
CA GLY A 68 14.13 -0.14 36.21
C GLY A 68 12.92 -0.37 35.32
N GLY A 69 13.12 -0.44 34.01
CA GLY A 69 12.02 -0.71 33.11
C GLY A 69 10.97 0.37 33.16
N VAL A 70 9.71 -0.02 33.36
CA VAL A 70 8.61 0.91 33.43
C VAL A 70 8.24 1.10 34.90
N ASN A 71 8.83 2.12 35.52
CA ASN A 71 8.56 2.42 36.93
C ASN A 71 8.73 1.20 37.82
N GLY A 72 9.75 0.39 37.52
CA GLY A 72 10.07 -0.77 38.31
C GLY A 72 9.72 -2.10 37.65
N THR A 73 8.79 -2.08 36.69
CA THR A 73 8.37 -3.30 36.02
C THR A 73 9.22 -3.50 34.77
N PRO A 74 9.96 -4.61 34.68
CA PRO A 74 10.78 -4.80 33.49
C PRO A 74 9.95 -4.92 32.22
N ILE A 75 10.52 -4.49 31.10
CA ILE A 75 9.97 -4.86 29.82
C ILE A 75 10.52 -6.21 29.42
N LYS A 76 9.82 -6.88 28.53
N LYS A 76 9.84 -6.86 28.49
CA LYS A 76 10.37 -8.07 27.88
CA LYS A 76 10.33 -8.09 27.89
C LYS A 76 10.14 -7.93 26.40
C LYS A 76 10.12 -8.00 26.39
N LEU A 77 11.24 -7.94 25.64
CA LEU A 77 11.13 -7.94 24.19
C LEU A 77 10.85 -9.35 23.71
N ILE A 78 9.80 -9.49 22.91
CA ILE A 78 9.45 -10.77 22.35
CA ILE A 78 9.41 -10.77 22.34
C ILE A 78 9.72 -10.71 20.86
N PHE A 79 10.71 -11.47 20.41
CA PHE A 79 11.13 -11.45 19.02
C PHE A 79 10.37 -12.47 18.20
N GLN A 80 9.74 -12.01 17.12
CA GLN A 80 9.13 -12.92 16.16
CA GLN A 80 9.13 -12.91 16.17
C GLN A 80 9.64 -12.57 14.78
N ASP A 81 10.44 -13.46 14.21
CA ASP A 81 11.05 -13.27 12.90
C ASP A 81 9.98 -13.13 11.84
N THR A 82 10.12 -12.12 10.98
CA THR A 82 9.22 -11.90 9.86
C THR A 82 9.67 -12.64 8.59
N ALA A 83 10.91 -13.11 8.58
CA ALA A 83 11.57 -13.52 7.34
C ALA A 83 11.51 -12.35 6.34
N GLY A 84 11.54 -12.67 5.04
CA GLY A 84 11.80 -11.63 4.06
C GLY A 84 10.63 -11.18 3.21
N ASP A 85 9.42 -11.68 3.49
CA ASP A 85 8.28 -11.37 2.64
C ASP A 85 7.10 -10.81 3.44
N GLU A 86 5.99 -10.58 2.75
CA GLU A 86 4.80 -10.00 3.37
C GLU A 86 4.09 -11.02 4.26
N ALA A 87 3.90 -12.23 3.75
CA ALA A 87 3.22 -13.28 4.50
C ALA A 87 3.90 -13.53 5.85
N GLY A 88 5.24 -13.57 5.85
CA GLY A 88 5.96 -13.80 7.09
C GLY A 88 5.77 -12.66 8.08
N THR A 89 5.63 -11.45 7.58
CA THR A 89 5.43 -10.30 8.45
C THR A 89 4.02 -10.29 9.04
N ILE A 90 3.04 -10.59 8.22
CA ILE A 90 1.66 -10.73 8.68
C ILE A 90 1.60 -11.79 9.77
N ASN A 91 2.22 -12.95 9.53
N ASN A 91 2.23 -12.94 9.52
CA ASN A 91 2.22 -14.02 10.52
CA ASN A 91 2.25 -14.03 10.50
C ASN A 91 2.89 -13.58 11.82
C ASN A 91 2.91 -13.61 11.81
N ALA A 92 4.04 -12.92 11.72
CA ALA A 92 4.73 -12.44 12.91
C ALA A 92 3.87 -11.47 13.69
N PHE A 93 3.25 -10.52 13.01
CA PHE A 93 2.38 -9.56 13.68
C PHE A 93 1.21 -10.27 14.37
N GLN A 94 0.57 -11.19 13.67
CA GLN A 94 -0.59 -11.89 14.25
C GLN A 94 -0.18 -12.71 15.47
N THR A 95 0.97 -13.36 15.41
CA THR A 95 1.46 -14.11 16.55
C THR A 95 1.74 -13.20 17.75
N LEU A 96 2.42 -12.09 17.49
CA LEU A 96 2.71 -11.15 18.57
C LEU A 96 1.44 -10.59 19.20
N ILE A 97 0.46 -10.27 18.37
CA ILE A 97 -0.77 -9.67 18.84
C ILE A 97 -1.63 -10.67 19.62
N ASN A 98 -1.76 -11.86 19.07
CA ASN A 98 -2.73 -12.83 19.57
C ASN A 98 -2.20 -13.86 20.55
N LYS A 99 -1.00 -14.38 20.32
CA LYS A 99 -0.40 -15.33 21.23
C LYS A 99 0.43 -14.63 22.31
N ASP A 100 1.27 -13.69 21.89
CA ASP A 100 2.20 -13.06 22.82
C ASP A 100 1.60 -11.87 23.55
N LYS A 101 0.41 -11.43 23.13
CA LYS A 101 -0.32 -10.39 23.85
C LYS A 101 0.50 -9.11 24.05
N VAL A 102 1.25 -8.71 23.03
CA VAL A 102 2.14 -7.57 23.19
C VAL A 102 1.38 -6.25 23.28
N VAL A 103 1.96 -5.28 23.99
CA VAL A 103 1.32 -3.97 24.10
C VAL A 103 1.54 -3.11 22.86
N GLY A 104 2.55 -3.47 22.06
CA GLY A 104 2.90 -2.74 20.86
C GLY A 104 3.98 -3.49 20.13
N ILE A 105 4.18 -3.12 18.86
CA ILE A 105 5.16 -3.75 17.98
C ILE A 105 6.19 -2.73 17.50
N VAL A 106 7.46 -3.15 17.49
CA VAL A 106 8.51 -2.46 16.76
C VAL A 106 8.79 -3.28 15.51
N GLY A 107 8.64 -2.66 14.34
CA GLY A 107 8.89 -3.36 13.08
C GLY A 107 7.99 -2.80 12.00
N PRO A 108 7.99 -3.44 10.83
CA PRO A 108 8.90 -4.50 10.42
C PRO A 108 10.18 -3.87 9.86
N THR A 109 11.04 -4.67 9.25
CA THR A 109 12.26 -4.10 8.67
C THR A 109 11.98 -3.26 7.41
N LEU A 110 11.25 -3.83 6.46
CA LEU A 110 11.09 -3.18 5.15
C LEU A 110 9.77 -2.46 5.00
N SER A 111 9.79 -1.33 4.31
CA SER A 111 8.56 -0.68 3.89
C SER A 111 7.67 -1.63 3.09
N GLN A 112 8.27 -2.45 2.23
CA GLN A 112 7.52 -3.43 1.44
C GLN A 112 6.65 -4.30 2.34
N GLN A 113 7.22 -4.70 3.48
CA GLN A 113 6.49 -5.54 4.43
C GLN A 113 5.44 -4.73 5.19
N ALA A 114 5.81 -3.50 5.57
CA ALA A 114 4.93 -2.63 6.34
C ALA A 114 3.61 -2.34 5.62
N PHE A 115 3.65 -2.09 4.31
CA PHE A 115 2.42 -1.73 3.62
C PHE A 115 1.41 -2.87 3.66
N SER A 116 1.88 -4.11 3.69
CA SER A 116 1.00 -5.25 3.73
CA SER A 116 0.99 -5.28 3.76
C SER A 116 0.55 -5.59 5.17
N ALA A 117 1.49 -5.58 6.10
CA ALA A 117 1.25 -6.03 7.47
C ALA A 117 0.74 -4.97 8.43
N ASN A 118 1.21 -3.74 8.30
CA ASN A 118 0.77 -2.72 9.25
C ASN A 118 -0.75 -2.55 9.32
N PRO A 119 -1.47 -2.68 8.19
CA PRO A 119 -2.93 -2.59 8.30
C PRO A 119 -3.54 -3.65 9.24
N ILE A 120 -2.88 -4.79 9.41
CA ILE A 120 -3.33 -5.80 10.37
C ILE A 120 -3.33 -5.22 11.79
N ALA A 121 -2.23 -4.58 12.16
CA ALA A 121 -2.10 -3.97 13.48
C ALA A 121 -3.06 -2.78 13.62
N GLU A 122 -3.19 -1.99 12.56
CA GLU A 122 -4.13 -0.87 12.57
C GLU A 122 -5.54 -1.35 12.91
N ARG A 123 -5.98 -2.39 12.20
CA ARG A 123 -7.32 -2.95 12.37
C ARG A 123 -7.50 -3.49 13.79
N ALA A 124 -6.44 -4.10 14.32
CA ALA A 124 -6.44 -4.67 15.66
C ALA A 124 -6.25 -3.63 16.76
N LYS A 125 -5.98 -2.39 16.39
CA LYS A 125 -5.71 -1.30 17.35
C LYS A 125 -4.51 -1.63 18.26
N VAL A 126 -3.42 -2.03 17.61
CA VAL A 126 -2.15 -2.31 18.27
C VAL A 126 -1.13 -1.35 17.69
N PRO A 127 -0.43 -0.56 18.53
CA PRO A 127 0.53 0.37 17.95
C PRO A 127 1.70 -0.35 17.29
N VAL A 128 2.17 0.26 16.20
CA VAL A 128 3.39 -0.13 15.50
C VAL A 128 4.29 1.09 15.45
N VAL A 129 5.57 0.92 15.80
CA VAL A 129 6.58 1.95 15.60
C VAL A 129 7.63 1.35 14.67
N GLY A 130 7.71 1.91 13.47
CA GLY A 130 8.65 1.46 12.47
C GLY A 130 10.02 2.03 12.73
N PRO A 131 11.04 1.15 12.79
CA PRO A 131 12.38 1.67 13.10
C PRO A 131 13.08 2.27 11.89
N SER A 132 12.93 1.73 10.70
N SER A 132 12.75 1.76 10.69
CA SER A 132 13.80 2.21 9.64
CA SER A 132 13.53 1.93 9.45
C SER A 132 13.08 2.31 8.31
C SER A 132 12.66 1.81 8.17
N ASN A 133 11.76 2.09 8.33
N ASN A 133 11.40 2.22 8.26
CA ASN A 133 11.00 2.15 7.09
CA ASN A 133 10.53 2.20 7.09
C ASN A 133 10.70 3.56 6.64
C ASN A 133 10.46 3.61 6.53
N THR A 134 11.17 3.87 5.43
CA THR A 134 11.32 5.25 4.99
C THR A 134 10.57 5.59 3.71
N ALA A 135 9.78 4.66 3.20
CA ALA A 135 8.97 4.96 2.02
C ALA A 135 7.90 6.00 2.32
N LYS A 136 7.53 6.77 1.31
CA LYS A 136 6.40 7.69 1.44
C LYS A 136 5.14 6.89 1.78
N GLY A 137 4.37 7.39 2.74
CA GLY A 137 3.05 6.85 3.02
C GLY A 137 2.93 5.95 4.23
N ILE A 138 4.03 5.67 4.92
CA ILE A 138 3.98 4.74 6.05
C ILE A 138 3.09 5.23 7.22
N PRO A 139 3.35 6.43 7.76
CA PRO A 139 2.50 6.86 8.88
C PRO A 139 1.04 7.06 8.47
N GLU A 140 0.81 7.36 7.20
CA GLU A 140 -0.53 7.51 6.66
C GLU A 140 -1.32 6.20 6.62
N ILE A 141 -0.68 5.07 6.87
CA ILE A 141 -1.39 3.80 6.90
C ILE A 141 -2.52 3.84 7.93
N GLY A 142 -2.31 4.51 9.06
CA GLY A 142 -3.38 4.66 10.02
C GLY A 142 -2.93 5.29 11.31
N ASP A 143 -3.88 5.36 12.24
CA ASP A 143 -3.70 6.07 13.51
C ASP A 143 -2.83 5.32 14.51
N TYR A 144 -2.51 4.06 14.21
CA TYR A 144 -1.68 3.21 15.07
C TYR A 144 -0.28 2.99 14.50
N VAL A 145 0.03 3.65 13.39
CA VAL A 145 1.33 3.49 12.74
C VAL A 145 2.16 4.76 12.86
N ALA A 146 3.28 4.66 13.56
CA ALA A 146 4.26 5.75 13.66
C ALA A 146 5.61 5.23 13.20
N ARG A 147 6.55 6.14 12.97
CA ARG A 147 7.92 5.72 12.66
C ARG A 147 8.92 6.68 13.27
N VAL A 148 10.10 6.16 13.61
CA VAL A 148 11.19 7.00 14.09
C VAL A 148 12.22 7.28 13.00
N SER A 149 12.00 6.73 11.80
CA SER A 149 12.93 6.84 10.70
C SER A 149 12.47 7.86 9.70
N ALA A 150 13.26 8.93 9.60
CA ALA A 150 12.97 9.99 8.65
C ALA A 150 12.89 9.43 7.23
N PRO A 151 11.93 9.93 6.45
CA PRO A 151 11.68 9.31 5.14
C PRO A 151 12.62 9.74 4.02
N VAL A 152 12.50 9.03 2.91
CA VAL A 152 13.39 9.22 1.77
C VAL A 152 13.45 10.67 1.28
N SER A 153 12.33 11.37 1.35
CA SER A 153 12.28 12.74 0.84
C SER A 153 13.24 13.68 1.56
N VAL A 154 13.53 13.40 2.83
CA VAL A 154 14.46 14.27 3.56
C VAL A 154 15.86 13.66 3.71
N VAL A 155 15.97 12.33 3.58
CA VAL A 155 17.27 11.67 3.72
C VAL A 155 18.08 11.65 2.42
N ALA A 156 17.46 11.19 1.35
CA ALA A 156 18.19 10.94 0.10
C ALA A 156 18.88 12.14 -0.55
N PRO A 157 18.26 13.34 -0.57
CA PRO A 157 18.91 14.41 -1.32
C PRO A 157 20.30 14.76 -0.81
N ASN A 158 20.55 14.53 0.47
CA ASN A 158 21.85 14.92 1.00
CA ASN A 158 21.84 14.80 1.11
C ASN A 158 23.02 14.18 0.37
N SER A 159 22.84 12.95 -0.07
CA SER A 159 23.96 12.25 -0.69
C SER A 159 24.25 12.77 -2.09
N VAL A 160 23.24 13.24 -2.82
CA VAL A 160 23.47 13.87 -4.11
C VAL A 160 24.28 15.16 -3.92
N LYS A 161 23.90 15.96 -2.94
CA LYS A 161 24.63 17.18 -2.63
C LYS A 161 26.09 16.87 -2.24
N ALA A 162 26.30 15.81 -1.47
CA ALA A 162 27.65 15.42 -1.10
C ALA A 162 28.48 15.02 -2.32
N ALA A 163 27.87 14.29 -3.24
CA ALA A 163 28.58 13.88 -4.45
C ALA A 163 29.01 15.11 -5.26
N LEU A 164 28.13 16.10 -5.36
CA LEU A 164 28.43 17.31 -6.09
C LEU A 164 29.49 18.16 -5.40
N LYS A 165 29.57 18.09 -4.08
CA LYS A 165 30.64 18.78 -3.37
C LYS A 165 31.99 18.12 -3.69
N GLN A 166 32.01 16.79 -3.76
CA GLN A 166 33.25 16.07 -4.07
C GLN A 166 33.66 16.19 -5.54
N ASN A 167 32.67 16.32 -6.42
CA ASN A 167 32.96 16.57 -7.83
C ASN A 167 31.94 17.52 -8.41
N PRO A 168 32.24 18.82 -8.37
CA PRO A 168 31.30 19.83 -8.88
C PRO A 168 31.07 19.73 -10.38
N ASN A 169 31.87 18.93 -11.07
CA ASN A 169 31.73 18.80 -12.53
C ASN A 169 30.89 17.61 -12.97
N ILE A 170 30.25 16.94 -12.03
CA ILE A 170 29.26 15.92 -12.40
C ILE A 170 28.19 16.53 -13.28
N LYS A 171 27.91 15.90 -14.41
CA LYS A 171 26.87 16.35 -15.33
C LYS A 171 25.84 15.27 -15.64
N LYS A 172 26.30 14.04 -15.84
CA LYS A 172 25.45 12.94 -16.29
C LYS A 172 25.26 11.93 -15.17
N VAL A 173 24.01 11.54 -14.95
CA VAL A 173 23.67 10.63 -13.85
C VAL A 173 22.87 9.44 -14.36
N ALA A 174 23.31 8.24 -13.98
CA ALA A 174 22.57 7.01 -14.24
C ALA A 174 21.97 6.53 -12.92
N VAL A 175 20.69 6.15 -12.96
CA VAL A 175 19.96 5.72 -11.79
C VAL A 175 19.52 4.27 -11.96
N PHE A 176 19.64 3.50 -10.88
CA PHE A 176 19.19 2.10 -10.85
C PHE A 176 18.24 1.93 -9.68
N PHE A 177 17.18 1.13 -9.84
CA PHE A 177 16.32 0.82 -8.70
C PHE A 177 15.69 -0.56 -8.80
N ALA A 178 15.39 -1.10 -7.62
CA ALA A 178 14.73 -2.39 -7.48
C ALA A 178 13.22 -2.22 -7.62
N GLN A 179 12.72 -2.66 -8.77
CA GLN A 179 11.33 -2.39 -9.10
CA GLN A 179 11.34 -2.46 -9.18
C GLN A 179 10.33 -3.23 -8.32
N ASN A 180 10.80 -4.24 -7.61
CA ASN A 180 9.92 -5.07 -6.79
C ASN A 180 9.81 -4.62 -5.34
N ASP A 181 10.54 -3.58 -4.95
CA ASP A 181 10.62 -3.17 -3.56
C ASP A 181 10.03 -1.78 -3.34
N ALA A 182 9.08 -1.67 -2.43
CA ALA A 182 8.33 -0.42 -2.27
C ALA A 182 9.21 0.76 -1.88
N PHE A 183 10.12 0.53 -0.93
CA PHE A 183 11.02 1.60 -0.52
C PHE A 183 11.93 2.03 -1.67
N SER A 184 12.46 1.07 -2.42
CA SER A 184 13.36 1.40 -3.50
C SER A 184 12.68 2.26 -4.56
N LYS A 185 11.43 1.96 -4.85
CA LYS A 185 10.67 2.77 -5.79
CA LYS A 185 10.64 2.75 -5.78
C LYS A 185 10.39 4.16 -5.25
N SER A 186 10.14 4.27 -3.95
CA SER A 186 9.90 5.57 -3.34
C SER A 186 11.21 6.39 -3.33
N GLU A 187 12.30 5.74 -2.96
CA GLU A 187 13.59 6.40 -2.88
C GLU A 187 14.07 6.89 -4.25
N THR A 188 13.89 6.06 -5.26
CA THR A 188 14.39 6.43 -6.58
C THR A 188 13.68 7.68 -7.11
N GLU A 189 12.41 7.85 -6.77
CA GLU A 189 11.70 9.04 -7.24
CA GLU A 189 11.65 9.04 -7.18
C GLU A 189 12.34 10.29 -6.65
N ILE A 190 12.73 10.23 -5.39
CA ILE A 190 13.41 11.35 -4.76
C ILE A 190 14.78 11.61 -5.38
N PHE A 191 15.55 10.54 -5.59
CA PHE A 191 16.85 10.72 -6.23
C PHE A 191 16.70 11.34 -7.63
N GLN A 192 15.74 10.86 -8.41
CA GLN A 192 15.56 11.39 -9.76
C GLN A 192 15.15 12.86 -9.73
N GLN A 193 14.27 13.22 -8.82
CA GLN A 193 13.84 14.61 -8.72
C GLN A 193 15.00 15.50 -8.28
N THR A 194 15.82 14.99 -7.36
CA THR A 194 16.97 15.76 -6.88
C THR A 194 17.97 16.00 -8.01
N VAL A 195 18.23 14.96 -8.80
CA VAL A 195 19.10 15.08 -9.97
C VAL A 195 18.61 16.19 -10.88
N LYS A 196 17.30 16.20 -11.15
CA LYS A 196 16.73 17.23 -12.00
C LYS A 196 16.87 18.62 -11.38
N ASP A 197 16.56 18.72 -10.09
CA ASP A 197 16.59 20.02 -9.42
C ASP A 197 18.00 20.58 -9.30
N GLN A 198 18.99 19.70 -9.29
CA GLN A 198 20.39 20.14 -9.25
C GLN A 198 20.90 20.49 -10.64
N GLY A 199 20.04 20.40 -11.65
CA GLY A 199 20.40 20.78 -13.01
C GLY A 199 21.25 19.77 -13.74
N LEU A 200 21.17 18.51 -13.34
CA LEU A 200 21.95 17.44 -13.94
C LEU A 200 21.15 16.71 -15.01
N GLU A 201 21.85 15.97 -15.86
CA GLU A 201 21.22 15.20 -16.92
C GLU A 201 21.03 13.76 -16.46
N LEU A 202 19.78 13.30 -16.46
CA LEU A 202 19.46 11.91 -16.13
C LEU A 202 19.58 11.10 -17.42
N VAL A 203 20.65 10.32 -17.56
CA VAL A 203 20.91 9.65 -18.82
C VAL A 203 20.21 8.30 -18.96
N THR A 204 19.85 7.68 -17.83
CA THR A 204 19.09 6.44 -17.86
C THR A 204 18.55 6.13 -16.48
N VAL A 205 17.43 5.41 -16.47
CA VAL A 205 16.90 4.77 -15.28
C VAL A 205 16.79 3.28 -15.57
N GLN A 206 17.58 2.47 -14.88
CA GLN A 206 17.62 1.02 -15.07
C GLN A 206 16.92 0.32 -13.91
N LYS A 207 16.18 -0.72 -14.23
CA LYS A 207 15.44 -1.50 -13.24
C LYS A 207 16.11 -2.85 -12.99
N PHE A 208 15.97 -3.34 -11.77
CA PHE A 208 16.39 -4.68 -11.42
C PHE A 208 15.45 -5.21 -10.33
N GLN A 209 15.65 -6.47 -9.93
CA GLN A 209 14.91 -7.07 -8.82
C GLN A 209 15.85 -7.27 -7.65
N THR A 210 15.35 -7.14 -6.42
CA THR A 210 16.21 -7.35 -5.25
C THR A 210 16.82 -8.75 -5.20
N THR A 211 16.17 -9.72 -5.82
CA THR A 211 16.65 -11.10 -5.84
C THR A 211 17.66 -11.38 -6.96
N ASP A 212 17.89 -10.41 -7.85
CA ASP A 212 18.90 -10.57 -8.88
C ASP A 212 20.29 -10.55 -8.26
N THR A 213 21.22 -11.30 -8.86
CA THR A 213 22.64 -11.24 -8.50
C THR A 213 23.48 -10.69 -9.66
N ASP A 214 22.92 -10.75 -10.87
CA ASP A 214 23.65 -10.31 -12.04
CA ASP A 214 23.60 -10.39 -12.11
C ASP A 214 22.98 -9.14 -12.71
N PHE A 215 23.80 -8.14 -13.01
CA PHE A 215 23.35 -6.86 -13.53
C PHE A 215 24.14 -6.46 -14.76
N GLN A 216 24.74 -7.42 -15.45
CA GLN A 216 25.64 -7.05 -16.51
CA GLN A 216 25.63 -7.11 -16.58
C GLN A 216 24.99 -6.19 -17.59
N SER A 217 23.78 -6.52 -18.03
CA SER A 217 23.18 -5.74 -19.09
CA SER A 217 23.10 -5.77 -19.07
CA SER A 217 23.09 -5.77 -19.07
C SER A 217 22.81 -4.32 -18.65
N GLN A 218 22.21 -4.17 -17.48
CA GLN A 218 21.87 -2.84 -17.00
C GLN A 218 23.12 -2.01 -16.75
N ALA A 219 24.14 -2.62 -16.15
CA ALA A 219 25.36 -1.90 -15.85
C ALA A 219 26.06 -1.45 -17.13
N THR A 220 26.13 -2.34 -18.11
CA THR A 220 26.74 -1.99 -19.40
C THR A 220 25.96 -0.89 -20.11
N ASN A 221 24.63 -1.01 -20.11
CA ASN A 221 23.87 0.01 -20.79
CA ASN A 221 23.74 0.01 -20.67
C ASN A 221 24.06 1.40 -20.14
N ALA A 222 24.21 1.45 -18.83
CA ALA A 222 24.48 2.71 -18.16
C ALA A 222 25.89 3.20 -18.46
N ILE A 223 26.87 2.31 -18.37
CA ILE A 223 28.26 2.67 -18.59
C ILE A 223 28.47 3.25 -19.99
N ASN A 224 27.76 2.71 -20.98
CA ASN A 224 27.85 3.20 -22.34
C ASN A 224 27.41 4.65 -22.51
N LEU A 225 26.67 5.17 -21.53
CA LEU A 225 26.17 6.54 -21.56
C LEU A 225 27.10 7.53 -20.86
N LYS A 226 28.24 7.03 -20.39
CA LYS A 226 29.28 7.84 -19.76
CA LYS A 226 29.27 7.86 -19.77
C LYS A 226 28.79 8.69 -18.58
N PRO A 227 28.11 8.06 -17.61
CA PRO A 227 27.71 8.84 -16.45
C PRO A 227 28.90 9.25 -15.59
N ASP A 228 28.73 10.36 -14.89
CA ASP A 228 29.69 10.85 -13.91
C ASP A 228 29.30 10.40 -12.50
N LEU A 229 28.02 10.03 -12.33
CA LEU A 229 27.46 9.63 -11.05
C LEU A 229 26.47 8.52 -11.33
N VAL A 230 26.49 7.50 -10.47
CA VAL A 230 25.53 6.40 -10.49
C VAL A 230 24.85 6.36 -9.12
N ILE A 231 23.53 6.22 -9.12
CA ILE A 231 22.73 6.15 -7.90
C ILE A 231 21.98 4.83 -7.89
N ILE A 232 22.08 4.12 -6.77
CA ILE A 232 21.47 2.80 -6.64
C ILE A 232 20.49 2.75 -5.48
N SER A 233 19.22 2.43 -5.78
CA SER A 233 18.22 2.15 -4.76
C SER A 233 17.83 0.69 -4.81
N GLY A 234 18.43 -0.11 -3.94
CA GLY A 234 18.03 -1.50 -3.75
C GLY A 234 18.28 -1.87 -2.30
N LEU A 235 18.37 -3.16 -2.03
CA LEU A 235 18.73 -3.63 -0.71
C LEU A 235 20.22 -4.05 -0.68
N ALA A 236 20.63 -4.86 0.30
CA ALA A 236 22.06 -4.96 0.59
C ALA A 236 22.82 -5.91 -0.33
N ALA A 237 22.33 -7.14 -0.46
CA ALA A 237 23.02 -8.10 -1.31
C ALA A 237 23.01 -7.64 -2.76
N ASP A 238 21.83 -7.24 -3.23
CA ASP A 238 21.67 -6.74 -4.59
C ASP A 238 22.47 -5.47 -4.82
N GLY A 239 22.35 -4.49 -3.91
CA GLY A 239 23.09 -3.27 -4.07
C GLY A 239 24.60 -3.50 -4.11
N GLY A 240 25.11 -4.33 -3.20
CA GLY A 240 26.52 -4.64 -3.19
C GLY A 240 27.00 -5.33 -4.45
N ASN A 241 26.20 -6.27 -4.95
CA ASN A 241 26.58 -6.98 -6.17
C ASN A 241 26.62 -6.01 -7.36
N LEU A 242 25.66 -5.11 -7.43
CA LEU A 242 25.62 -4.12 -8.49
C LEU A 242 26.81 -3.16 -8.43
N VAL A 243 27.15 -2.67 -7.24
CA VAL A 243 28.35 -1.84 -7.07
C VAL A 243 29.59 -2.58 -7.61
N ARG A 244 29.77 -3.83 -7.18
CA ARG A 244 30.93 -4.58 -7.60
C ARG A 244 30.99 -4.70 -9.11
N GLN A 245 29.86 -5.05 -9.72
CA GLN A 245 29.83 -5.26 -11.15
CA GLN A 245 29.84 -5.29 -11.15
C GLN A 245 30.07 -4.00 -11.96
N LEU A 246 29.53 -2.88 -11.48
CA LEU A 246 29.80 -1.61 -12.15
C LEU A 246 31.31 -1.34 -12.21
N ARG A 247 31.99 -1.56 -11.08
CA ARG A 247 33.43 -1.37 -11.05
C ARG A 247 34.16 -2.39 -11.94
N GLU A 248 33.74 -3.66 -11.90
CA GLU A 248 34.34 -4.68 -12.74
C GLU A 248 34.26 -4.30 -14.22
N LEU A 249 33.13 -3.72 -14.60
CA LEU A 249 32.84 -3.34 -15.98
C LEU A 249 33.49 -2.01 -16.37
N GLY A 250 34.27 -1.43 -15.47
CA GLY A 250 35.10 -0.28 -15.81
C GLY A 250 34.57 1.08 -15.41
N TYR A 251 33.45 1.13 -14.69
CA TYR A 251 32.92 2.42 -14.27
C TYR A 251 33.83 3.04 -13.21
N GLN A 252 34.24 4.29 -13.43
CA GLN A 252 35.17 4.96 -12.53
C GLN A 252 34.60 6.20 -11.85
N GLY A 253 33.33 6.50 -12.11
CA GLY A 253 32.71 7.67 -11.54
C GLY A 253 32.22 7.47 -10.12
N ALA A 254 31.49 8.45 -9.61
CA ALA A 254 30.98 8.40 -8.25
C ALA A 254 29.79 7.46 -8.14
N ILE A 255 29.58 6.93 -6.94
CA ILE A 255 28.42 6.08 -6.67
C ILE A 255 27.78 6.50 -5.36
N ILE A 256 26.45 6.65 -5.42
CA ILE A 256 25.61 6.79 -4.24
C ILE A 256 24.80 5.53 -4.05
N GLY A 257 24.79 5.03 -2.82
CA GLY A 257 23.86 3.98 -2.44
C GLY A 257 22.77 4.55 -1.56
N GLY A 258 21.55 4.06 -1.76
CA GLY A 258 20.46 4.42 -0.89
C GLY A 258 20.48 3.65 0.42
N ASP A 259 19.39 3.77 1.18
CA ASP A 259 19.36 3.25 2.54
C ASP A 259 19.52 1.74 2.60
N GLY A 260 19.13 1.04 1.54
CA GLY A 260 19.26 -0.40 1.52
C GLY A 260 20.68 -0.92 1.44
N LEU A 261 21.63 -0.05 1.08
CA LEU A 261 23.04 -0.39 1.08
C LEU A 261 23.74 0.05 2.36
N ASN A 262 22.97 0.58 3.31
CA ASN A 262 23.53 1.23 4.48
C ASN A 262 23.86 0.23 5.58
N THR A 263 24.80 -0.66 5.29
CA THR A 263 25.22 -1.67 6.23
C THR A 263 26.59 -2.17 5.85
N SER A 264 27.42 -2.46 6.85
CA SER A 264 28.72 -3.07 6.62
C SER A 264 28.59 -4.45 5.98
N ASN A 265 27.38 -5.02 5.97
CA ASN A 265 27.18 -6.27 5.24
C ASN A 265 27.42 -6.15 3.74
N VAL A 266 27.41 -4.93 3.19
CA VAL A 266 27.80 -4.80 1.79
C VAL A 266 29.29 -5.00 1.57
N PHE A 267 30.10 -4.81 2.61
CA PHE A 267 31.56 -4.87 2.44
C PHE A 267 32.01 -6.22 1.89
N ALA A 268 31.40 -7.31 2.36
CA ALA A 268 31.79 -8.64 1.91
C ALA A 268 31.47 -8.84 0.43
N VAL A 269 30.45 -8.14 -0.05
CA VAL A 269 29.93 -8.35 -1.38
C VAL A 269 30.77 -7.61 -2.44
N CYS A 270 31.01 -6.32 -2.22
CA CYS A 270 31.81 -5.56 -3.18
C CYS A 270 33.30 -5.46 -2.81
N LYS A 271 33.66 -5.86 -1.59
CA LYS A 271 35.06 -5.87 -1.14
C LYS A 271 35.75 -4.54 -1.43
N ALA A 272 36.96 -4.55 -2.00
CA ALA A 272 37.65 -3.29 -2.23
C ALA A 272 36.86 -2.35 -3.14
N LEU A 273 36.02 -2.94 -3.99
CA LEU A 273 35.25 -2.16 -4.95
C LEU A 273 34.05 -1.44 -4.34
N CYS A 274 33.83 -1.60 -3.03
CA CYS A 274 32.85 -0.77 -2.32
C CYS A 274 33.41 0.63 -2.06
N ASP A 275 34.71 0.80 -2.19
CA ASP A 275 35.34 2.03 -1.73
C ASP A 275 34.75 3.26 -2.39
N GLY A 276 34.43 4.27 -1.59
CA GLY A 276 33.96 5.54 -2.11
C GLY A 276 32.45 5.72 -2.22
N VAL A 277 31.68 4.65 -2.03
CA VAL A 277 30.23 4.76 -2.12
C VAL A 277 29.72 5.72 -1.04
N LEU A 278 28.87 6.66 -1.45
CA LEU A 278 28.27 7.65 -0.56
C LEU A 278 26.88 7.21 -0.14
N ILE A 279 26.60 7.26 1.16
CA ILE A 279 25.31 6.84 1.68
C ILE A 279 24.83 7.81 2.75
N ALA A 280 23.66 8.40 2.52
CA ALA A 280 23.07 9.32 3.50
C ALA A 280 22.76 8.61 4.80
N GLN A 281 22.77 9.39 5.89
CA GLN A 281 22.59 8.84 7.22
C GLN A 281 21.60 9.68 8.02
N ALA A 282 20.79 9.01 8.83
CA ALA A 282 19.85 9.66 9.72
C ALA A 282 20.31 9.55 11.19
N TYR A 283 21.59 9.25 11.39
CA TYR A 283 22.17 9.00 12.69
C TYR A 283 23.67 9.25 12.57
N SER A 284 24.28 9.82 13.61
CA SER A 284 25.75 9.88 13.67
C SER A 284 26.27 9.36 15.00
N PRO A 285 27.23 8.42 14.98
CA PRO A 285 27.87 7.96 16.22
C PRO A 285 28.44 9.11 17.04
N GLU A 286 28.87 10.17 16.38
CA GLU A 286 29.53 11.28 17.08
C GLU A 286 28.55 12.33 17.59
N TYR A 287 27.26 12.14 17.33
CA TYR A 287 26.26 13.03 17.92
C TYR A 287 26.40 12.98 19.45
N THR A 288 26.47 14.16 20.07
CA THR A 288 26.91 14.24 21.47
C THR A 288 25.82 14.12 22.53
N GLY A 289 24.59 13.80 22.14
CA GLY A 289 23.53 13.58 23.10
C GLY A 289 23.92 12.53 24.12
N GLU A 290 23.60 12.76 25.38
CA GLU A 290 24.02 11.87 26.47
C GLU A 290 23.66 10.41 26.22
N ILE A 291 22.44 10.17 25.78
CA ILE A 291 21.99 8.80 25.57
C ILE A 291 22.71 8.17 24.38
N ASN A 292 23.12 8.98 23.41
CA ASN A 292 23.89 8.44 22.30
C ASN A 292 25.26 8.00 22.79
N LYS A 293 25.84 8.79 23.70
CA LYS A 293 27.12 8.42 24.30
C LYS A 293 27.01 7.06 24.98
N ALA A 294 25.94 6.85 25.74
CA ALA A 294 25.73 5.59 26.44
C ALA A 294 25.48 4.45 25.46
N PHE A 295 24.60 4.69 24.49
CA PHE A 295 24.32 3.71 23.46
C PHE A 295 25.57 3.36 22.66
N ARG A 296 26.29 4.39 22.22
CA ARG A 296 27.52 4.20 21.45
C ARG A 296 28.54 3.40 22.24
N GLN A 297 28.74 3.77 23.50
CA GLN A 297 29.74 3.09 24.33
C GLN A 297 29.38 1.62 24.49
N ALA A 298 28.11 1.34 24.75
CA ALA A 298 27.66 -0.04 24.87
C ALA A 298 27.87 -0.80 23.56
N TYR A 299 27.53 -0.16 22.45
CA TYR A 299 27.69 -0.80 21.15
C TYR A 299 29.16 -1.08 20.83
N VAL A 300 30.02 -0.06 20.95
CA VAL A 300 31.43 -0.20 20.61
C VAL A 300 32.12 -1.24 21.48
N ASP A 301 31.81 -1.25 22.77
CA ASP A 301 32.44 -2.20 23.67
C ASP A 301 32.11 -3.63 23.25
N GLN A 302 30.88 -3.87 22.77
CA GLN A 302 30.49 -5.21 22.34
C GLN A 302 30.91 -5.57 20.92
N TYR A 303 30.66 -4.69 19.97
CA TYR A 303 30.83 -5.02 18.55
C TYR A 303 32.11 -4.50 17.92
N LYS A 304 32.86 -3.68 18.66
CA LYS A 304 34.20 -3.24 18.25
C LYS A 304 34.20 -2.35 17.01
N LYS A 305 33.06 -1.71 16.75
CA LYS A 305 32.95 -0.73 15.67
C LYS A 305 31.83 0.24 16.04
N GLU A 306 31.71 1.31 15.28
CA GLU A 306 30.68 2.30 15.54
CA GLU A 306 30.68 2.30 15.55
C GLU A 306 29.28 1.74 15.31
N PRO A 307 28.32 2.18 16.14
CA PRO A 307 26.93 1.76 15.90
C PRO A 307 26.40 2.26 14.57
N PRO A 308 25.80 1.38 13.77
CA PRO A 308 25.20 1.82 12.51
C PRO A 308 23.81 2.42 12.72
N GLN A 309 23.39 3.20 11.73
CA GLN A 309 22.07 3.81 11.75
C GLN A 309 20.96 2.84 12.16
N PHE A 310 20.90 1.66 11.55
CA PHE A 310 19.78 0.75 11.82
C PHE A 310 19.73 0.34 13.28
N SER A 311 20.88 0.20 13.93
CA SER A 311 20.91 -0.15 15.34
CA SER A 311 20.91 -0.16 15.34
C SER A 311 20.38 1.00 16.20
N ALA A 312 20.80 2.22 15.88
CA ALA A 312 20.35 3.39 16.61
C ALA A 312 18.84 3.60 16.46
N GLN A 313 18.33 3.37 15.25
CA GLN A 313 16.90 3.54 15.00
C GLN A 313 16.06 2.52 15.76
N ALA A 314 16.53 1.28 15.82
CA ALA A 314 15.83 0.25 16.59
C ALA A 314 15.84 0.59 18.08
N PHE A 315 16.98 1.06 18.60
CA PHE A 315 17.05 1.50 19.98
C PHE A 315 16.02 2.60 20.24
N ALA A 316 15.96 3.59 19.34
CA ALA A 316 15.04 4.70 19.50
C ALA A 316 13.58 4.23 19.53
N ALA A 317 13.25 3.24 18.71
CA ALA A 317 11.87 2.72 18.70
C ALA A 317 11.52 2.08 20.04
N VAL A 318 12.43 1.28 20.59
CA VAL A 318 12.20 0.71 21.91
C VAL A 318 12.09 1.80 22.97
N GLN A 319 12.97 2.80 22.90
CA GLN A 319 12.93 3.93 23.81
C GLN A 319 11.57 4.63 23.80
N VAL A 320 11.01 4.85 22.62
CA VAL A 320 9.70 5.47 22.51
C VAL A 320 8.67 4.67 23.32
N TYR A 321 8.68 3.35 23.17
CA TYR A 321 7.76 2.53 23.96
C TYR A 321 8.01 2.60 25.46
N VAL A 322 9.28 2.49 25.88
CA VAL A 322 9.56 2.50 27.31
C VAL A 322 9.14 3.83 27.95
N GLU A 323 9.53 4.93 27.33
CA GLU A 323 9.24 6.24 27.91
C GLU A 323 7.74 6.53 27.88
N SER A 324 7.06 6.09 26.84
CA SER A 324 5.61 6.24 26.77
CA SER A 324 5.61 6.28 26.79
C SER A 324 4.90 5.40 27.80
N LEU A 325 5.37 4.16 27.97
CA LEU A 325 4.81 3.29 29.00
C LEU A 325 4.99 3.91 30.39
N LYS A 326 6.15 4.49 30.66
CA LYS A 326 6.38 5.15 31.93
C LYS A 326 5.43 6.32 32.14
N ALA A 327 5.25 7.14 31.12
CA ALA A 327 4.38 8.30 31.23
C ALA A 327 2.93 7.87 31.45
N LEU A 328 2.50 6.86 30.70
CA LEU A 328 1.15 6.32 30.85
C LEU A 328 0.96 5.73 32.24
N ASP A 329 1.91 4.90 32.67
CA ASP A 329 1.82 4.21 33.95
C ASP A 329 1.71 5.18 35.13
N THR A 330 2.42 6.30 35.02
CA THR A 330 2.37 7.33 36.06
C THR A 330 0.97 7.92 36.19
N LYS A 331 0.27 8.10 35.08
CA LYS A 331 -1.07 8.70 35.03
CA LYS A 331 -1.06 8.68 35.19
C LYS A 331 -2.20 7.68 35.16
N ASN A 332 -1.90 6.43 34.84
CA ASN A 332 -2.92 5.39 34.71
C ASN A 332 -2.19 4.06 34.80
N LYS A 333 -2.08 3.52 36.01
CA LYS A 333 -1.27 2.34 36.28
CA LYS A 333 -1.24 2.35 36.26
C LYS A 333 -1.55 1.20 35.30
N VAL A 334 -0.53 0.81 34.55
CA VAL A 334 -0.75 -0.14 33.45
C VAL A 334 -1.10 -1.56 33.88
N SER A 335 -0.69 -1.95 35.07
CA SER A 335 -0.97 -3.32 35.53
C SER A 335 -2.48 -3.54 35.66
N LYS A 336 -3.25 -2.46 35.76
CA LYS A 336 -4.68 -2.54 35.97
CA LYS A 336 -4.69 -2.54 35.97
C LYS A 336 -5.49 -2.29 34.69
N ILE A 337 -4.81 -1.94 33.61
CA ILE A 337 -5.51 -1.68 32.36
C ILE A 337 -5.61 -2.95 31.54
N GLN A 338 -6.82 -3.31 31.11
CA GLN A 338 -6.97 -4.47 30.24
CA GLN A 338 -6.97 -4.47 30.24
C GLN A 338 -6.29 -4.20 28.89
N LEU A 339 -5.82 -5.26 28.26
CA LEU A 339 -4.96 -5.13 27.09
C LEU A 339 -5.47 -4.26 25.93
N PRO A 340 -6.75 -4.40 25.53
CA PRO A 340 -7.15 -3.55 24.40
C PRO A 340 -7.06 -2.05 24.70
N GLU A 341 -7.46 -1.67 25.91
CA GLU A 341 -7.37 -0.27 26.33
C GLU A 341 -5.92 0.15 26.54
N LEU A 342 -5.09 -0.76 27.05
CA LEU A 342 -3.68 -0.45 27.25
C LEU A 342 -3.03 -0.11 25.91
N ARG A 343 -3.31 -0.93 24.89
CA ARG A 343 -2.80 -0.66 23.56
C ARG A 343 -3.23 0.69 23.01
N THR A 344 -4.52 1.00 23.16
CA THR A 344 -5.04 2.26 22.66
CA THR A 344 -5.02 2.26 22.63
C THR A 344 -4.47 3.46 23.40
N GLU A 345 -4.37 3.35 24.72
CA GLU A 345 -3.80 4.44 25.52
C GLU A 345 -2.30 4.60 25.28
N LEU A 346 -1.61 3.49 25.05
CA LEU A 346 -0.18 3.56 24.76
C LEU A 346 0.06 4.25 23.43
N ASN A 347 -0.71 3.90 22.41
CA ASN A 347 -0.63 4.56 21.12
C ASN A 347 -0.86 6.08 21.26
N LYS A 348 -1.93 6.45 21.95
CA LYS A 348 -2.24 7.86 22.16
C LYS A 348 -1.09 8.57 22.85
N GLN A 349 -0.54 7.93 23.88
CA GLN A 349 0.56 8.52 24.64
C GLN A 349 1.81 8.73 23.79
N LEU A 350 2.21 7.69 23.06
CA LEU A 350 3.50 7.76 22.38
C LEU A 350 3.51 8.88 21.35
N LEU A 351 2.35 9.12 20.73
CA LEU A 351 2.26 10.17 19.73
C LEU A 351 2.47 11.57 20.31
N THR A 352 2.28 11.73 21.62
CA THR A 352 2.43 13.04 22.25
C THR A 352 3.82 13.30 22.82
N GLY A 353 4.67 12.27 22.85
CA GLY A 353 5.92 12.37 23.56
C GLY A 353 7.04 13.08 22.82
N LYS A 354 8.00 13.56 23.60
CA LYS A 354 9.26 14.09 23.10
C LYS A 354 10.37 13.19 23.66
N TYR A 355 11.31 12.80 22.80
CA TYR A 355 12.28 11.79 23.18
C TYR A 355 13.68 12.24 22.80
N ASN A 356 14.59 12.18 23.77
CA ASN A 356 16.00 12.45 23.52
CA ASN A 356 15.98 12.46 23.48
C ASN A 356 16.68 11.12 23.26
N THR A 357 16.85 10.80 21.98
CA THR A 357 17.28 9.48 21.54
C THR A 357 18.67 9.51 20.92
N PRO A 358 19.21 8.34 20.54
CA PRO A 358 20.49 8.38 19.82
C PRO A 358 20.40 9.13 18.49
N LEU A 359 19.19 9.23 17.92
CA LEU A 359 18.96 9.94 16.67
C LEU A 359 18.86 11.44 16.85
N GLY A 360 18.93 11.90 18.10
CA GLY A 360 18.65 13.27 18.44
C GLY A 360 17.31 13.41 19.12
N GLU A 361 16.91 14.65 19.35
CA GLU A 361 15.60 14.96 19.89
C GLU A 361 14.55 14.72 18.82
N ILE A 362 13.61 13.82 19.08
CA ILE A 362 12.55 13.54 18.13
C ILE A 362 11.18 13.60 18.79
N SER A 363 10.16 13.74 17.95
CA SER A 363 8.78 13.71 18.38
C SER A 363 7.98 13.27 17.17
N PHE A 364 6.66 13.30 17.27
CA PHE A 364 5.79 12.86 16.17
C PHE A 364 4.82 13.94 15.75
N THR A 365 4.46 13.94 14.48
CA THR A 365 3.31 14.70 14.01
C THR A 365 2.04 13.98 14.46
N PRO A 366 0.88 14.63 14.32
CA PRO A 366 -0.36 13.96 14.76
C PRO A 366 -0.66 12.65 14.02
N ILE A 367 -0.03 12.41 12.87
CA ILE A 367 -0.24 11.16 12.16
C ILE A 367 0.92 10.17 12.29
N GLY A 368 1.86 10.46 13.19
CA GLY A 368 2.91 9.49 13.45
C GLY A 368 4.17 9.62 12.62
N GLU A 369 4.29 10.69 11.85
CA GLU A 369 5.54 10.96 11.15
C GLU A 369 6.56 11.46 12.15
N VAL A 370 7.82 11.11 11.95
CA VAL A 370 8.87 11.59 12.84
C VAL A 370 9.18 13.07 12.57
N VAL A 371 9.49 13.78 13.66
CA VAL A 371 10.03 15.13 13.61
C VAL A 371 11.50 15.01 14.04
N GLN A 372 12.43 15.26 13.10
CA GLN A 372 13.87 15.06 13.32
C GLN A 372 14.65 16.08 12.52
N LYS A 373 15.68 16.67 13.14
CA LYS A 373 16.37 17.80 12.49
C LYS A 373 17.61 17.49 11.65
N ASP A 374 18.48 16.61 12.12
CA ASP A 374 19.82 16.52 11.54
C ASP A 374 20.06 15.29 10.68
N PHE A 375 20.78 15.48 9.58
CA PHE A 375 21.14 14.40 8.68
C PHE A 375 22.60 14.52 8.30
N TYR A 376 23.16 13.42 7.79
CA TYR A 376 24.58 13.33 7.50
C TYR A 376 24.77 12.52 6.22
N VAL A 377 26.00 12.49 5.75
CA VAL A 377 26.40 11.58 4.69
C VAL A 377 27.70 10.92 5.11
N ALA A 378 27.78 9.61 4.89
CA ALA A 378 29.00 8.87 5.12
C ALA A 378 29.48 8.25 3.82
N GLN A 379 30.76 7.87 3.82
CA GLN A 379 31.39 7.33 2.63
C GLN A 379 32.13 6.07 3.02
N ILE A 380 31.94 4.99 2.25
CA ILE A 380 32.64 3.76 2.54
C ILE A 380 34.12 3.91 2.26
N LYS A 381 34.94 3.55 3.24
CA LYS A 381 36.39 3.53 3.08
CA LYS A 381 36.38 3.52 3.07
C LYS A 381 36.85 2.10 3.32
N GLU A 383 39.81 -0.88 3.25
CA GLU A 383 41.24 -1.14 3.23
C GLU A 383 41.57 -1.78 1.87
N LYS A 384 42.80 -1.58 1.41
CA LYS A 384 43.21 -2.00 0.07
C LYS A 384 42.97 -3.48 -0.21
N ASP A 385 43.21 -4.31 0.80
CA ASP A 385 43.03 -5.75 0.66
C ASP A 385 41.56 -6.15 0.50
N GLY A 386 40.65 -5.24 0.85
CA GLY A 386 39.23 -5.46 0.63
C GLY A 386 38.52 -6.23 1.73
N SER A 387 39.28 -6.66 2.73
CA SER A 387 38.72 -7.53 3.78
C SER A 387 38.13 -6.73 4.95
N GLN A 388 38.39 -5.44 5.00
CA GLN A 388 37.92 -4.60 6.10
C GLN A 388 37.55 -3.22 5.57
N GLY A 389 36.60 -2.57 6.24
CA GLY A 389 36.27 -1.20 5.92
C GLY A 389 35.48 -0.50 7.00
N LYS A 390 35.08 0.73 6.73
CA LYS A 390 34.30 1.51 7.68
C LYS A 390 33.54 2.59 6.93
N PHE A 391 32.62 3.23 7.63
CA PHE A 391 31.94 4.40 7.11
C PHE A 391 32.55 5.66 7.68
N THR A 392 33.05 6.53 6.80
CA THR A 392 33.62 7.81 7.22
C THR A 392 32.56 8.89 7.06
N PHE A 393 32.25 9.57 8.16
CA PHE A 393 31.27 10.65 8.10
C PHE A 393 31.88 11.91 7.52
N LEU A 394 31.19 12.49 6.55
CA LEU A 394 31.63 13.74 5.96
C LEU A 394 31.26 14.87 6.90
N LYS A 395 32.11 15.90 6.94
CA LYS A 395 31.86 17.03 7.82
C LYS A 395 30.97 18.07 7.14
N ASN B 32 -12.48 -32.69 -15.90
CA ASN B 32 -11.41 -31.74 -15.67
C ASN B 32 -11.83 -30.31 -15.93
N THR B 33 -11.50 -29.41 -15.00
CA THR B 33 -11.86 -28.00 -15.12
C THR B 33 -10.67 -27.13 -14.74
N ILE B 34 -10.74 -25.85 -15.11
CA ILE B 34 -9.69 -24.89 -14.79
C ILE B 34 -10.18 -23.98 -13.66
N PRO B 35 -9.51 -24.02 -12.50
CA PRO B 35 -10.01 -23.27 -11.34
C PRO B 35 -9.57 -21.81 -11.36
N ILE B 36 -10.54 -20.91 -11.19
CA ILE B 36 -10.29 -19.48 -11.08
C ILE B 36 -10.86 -19.03 -9.74
N GLY B 37 -10.03 -18.36 -8.93
CA GLY B 37 -10.48 -17.93 -7.61
C GLY B 37 -11.24 -16.63 -7.65
N ILE B 38 -12.31 -16.56 -6.87
CA ILE B 38 -13.09 -15.34 -6.71
C ILE B 38 -13.08 -14.99 -5.23
N ALA B 39 -12.40 -13.89 -4.89
CA ALA B 39 -12.21 -13.45 -3.51
C ALA B 39 -12.91 -12.12 -3.35
N LEU B 40 -14.13 -12.14 -2.83
CA LEU B 40 -14.97 -10.96 -2.71
C LEU B 40 -15.62 -10.94 -1.34
N ALA B 41 -16.13 -9.78 -0.95
CA ALA B 41 -16.80 -9.65 0.33
C ALA B 41 -18.21 -10.21 0.24
N GLN B 42 -18.42 -11.35 0.90
CA GLN B 42 -19.73 -12.00 0.94
C GLN B 42 -20.37 -11.90 2.33
N THR B 43 -19.61 -11.39 3.30
CA THR B 43 -20.10 -11.08 4.63
C THR B 43 -19.53 -9.71 5.00
N SER B 44 -20.06 -9.14 6.08
CA SER B 44 -19.77 -7.78 6.57
C SER B 44 -20.56 -6.74 5.80
N ASN B 45 -20.47 -5.48 6.21
CA ASN B 45 -21.13 -4.42 5.46
C ASN B 45 -20.52 -4.24 4.07
N VAL B 46 -19.31 -4.74 3.87
CA VAL B 46 -18.70 -4.69 2.55
C VAL B 46 -19.45 -5.59 1.56
N ALA B 47 -20.20 -6.57 2.06
CA ALA B 47 -21.01 -7.42 1.20
C ALA B 47 -22.11 -6.66 0.46
N LEU B 48 -22.48 -5.47 0.93
CA LEU B 48 -23.43 -4.66 0.18
C LEU B 48 -22.87 -4.29 -1.20
N LEU B 49 -21.54 -4.23 -1.29
CA LEU B 49 -20.84 -4.02 -2.56
C LEU B 49 -20.52 -5.36 -3.24
N GLY B 50 -20.06 -6.33 -2.46
CA GLY B 50 -19.66 -7.62 -3.00
C GLY B 50 -20.80 -8.41 -3.65
N GLN B 51 -22.02 -8.21 -3.17
CA GLN B 51 -23.18 -8.96 -3.66
CA GLN B 51 -23.20 -8.94 -3.66
C GLN B 51 -23.33 -8.91 -5.19
N GLU B 52 -23.24 -7.70 -5.74
CA GLU B 52 -23.39 -7.51 -7.17
C GLU B 52 -22.23 -8.14 -7.92
N GLN B 53 -21.06 -8.17 -7.28
CA GLN B 53 -19.88 -8.75 -7.91
C GLN B 53 -20.00 -10.25 -8.04
N VAL B 54 -20.44 -10.90 -6.98
CA VAL B 54 -20.71 -12.33 -7.01
C VAL B 54 -21.72 -12.67 -8.10
N ALA B 55 -22.78 -11.86 -8.20
CA ALA B 55 -23.81 -12.08 -9.22
C ALA B 55 -23.21 -12.01 -10.62
N GLY B 56 -22.39 -11.00 -10.88
CA GLY B 56 -21.77 -10.86 -12.18
C GLY B 56 -20.80 -11.99 -12.51
N ALA B 57 -20.03 -12.42 -11.52
CA ALA B 57 -19.11 -13.53 -11.70
C ALA B 57 -19.86 -14.82 -12.04
N LYS B 58 -20.96 -15.08 -11.35
CA LYS B 58 -21.73 -16.29 -11.61
C LYS B 58 -22.35 -16.27 -13.01
N ILE B 59 -22.82 -15.11 -13.44
CA ILE B 59 -23.35 -14.96 -14.78
C ILE B 59 -22.26 -15.24 -15.81
N ALA B 60 -21.05 -14.73 -15.56
CA ALA B 60 -19.92 -14.99 -16.44
C ALA B 60 -19.59 -16.48 -16.51
N GLU B 61 -19.56 -17.16 -15.37
CA GLU B 61 -19.23 -18.58 -15.37
C GLU B 61 -20.17 -19.36 -16.29
N LYS B 62 -21.47 -19.10 -16.18
CA LYS B 62 -22.46 -19.79 -17.00
CA LYS B 62 -22.44 -19.81 -17.00
C LYS B 62 -22.30 -19.42 -18.47
N TYR B 63 -22.16 -18.13 -18.74
CA TYR B 63 -22.04 -17.65 -20.11
C TYR B 63 -20.84 -18.28 -20.81
N PHE B 64 -19.68 -18.22 -20.17
CA PHE B 64 -18.48 -18.73 -20.80
C PHE B 64 -18.45 -20.26 -20.89
N ASN B 65 -18.92 -20.94 -19.86
CA ASN B 65 -19.00 -22.39 -19.94
C ASN B 65 -20.00 -22.87 -21.00
N ASP B 66 -21.09 -22.12 -21.17
CA ASP B 66 -22.07 -22.44 -22.21
C ASP B 66 -21.45 -22.36 -23.61
N LYS B 67 -20.41 -21.54 -23.77
CA LYS B 67 -19.74 -21.37 -25.05
CA LYS B 67 -19.75 -21.37 -25.06
C LYS B 67 -18.54 -22.30 -25.17
N GLY B 68 -18.43 -23.25 -24.25
CA GLY B 68 -17.37 -24.23 -24.31
C GLY B 68 -16.20 -24.00 -23.36
N GLY B 69 -16.29 -23.00 -22.49
CA GLY B 69 -15.22 -22.76 -21.53
C GLY B 69 -13.93 -22.35 -22.22
N VAL B 70 -12.84 -23.03 -21.87
CA VAL B 70 -11.55 -22.75 -22.48
C VAL B 70 -11.30 -23.83 -23.53
N ASN B 71 -11.73 -23.54 -24.76
CA ASN B 71 -11.55 -24.46 -25.88
C ASN B 71 -12.02 -25.88 -25.54
N GLY B 72 -13.14 -25.97 -24.84
CA GLY B 72 -13.71 -27.26 -24.48
C GLY B 72 -13.60 -27.59 -23.01
N THR B 73 -12.63 -27.02 -22.31
CA THR B 73 -12.44 -27.30 -20.89
C THR B 73 -13.19 -26.27 -20.06
N PRO B 74 -14.16 -26.72 -19.24
CA PRO B 74 -14.90 -25.74 -18.44
C PRO B 74 -14.00 -25.05 -17.42
N ILE B 75 -14.34 -23.80 -17.10
CA ILE B 75 -13.78 -23.17 -15.93
C ILE B 75 -14.62 -23.53 -14.72
N LYS B 76 -14.01 -23.42 -13.54
CA LYS B 76 -14.70 -23.57 -12.28
CA LYS B 76 -14.76 -23.53 -12.30
C LYS B 76 -14.36 -22.38 -11.39
N LEU B 77 -15.34 -21.56 -11.06
CA LEU B 77 -15.09 -20.47 -10.14
C LEU B 77 -15.12 -21.00 -8.72
N ILE B 78 -14.07 -20.70 -7.97
CA ILE B 78 -14.00 -21.09 -6.58
CA ILE B 78 -13.97 -21.08 -6.57
C ILE B 78 -14.10 -19.82 -5.73
N PHE B 79 -15.20 -19.72 -4.98
CA PHE B 79 -15.48 -18.54 -4.19
C PHE B 79 -14.92 -18.69 -2.78
N GLN B 80 -14.13 -17.72 -2.35
CA GLN B 80 -13.65 -17.67 -0.97
CA GLN B 80 -13.64 -17.66 -0.99
C GLN B 80 -13.92 -16.27 -0.42
N ASP B 81 -14.83 -16.21 0.55
CA ASP B 81 -15.23 -14.95 1.16
C ASP B 81 -14.04 -14.30 1.86
N THR B 82 -13.85 -13.01 1.60
CA THR B 82 -12.80 -12.23 2.23
C THR B 82 -13.25 -11.58 3.53
N ALA B 83 -14.56 -11.56 3.79
CA ALA B 83 -15.14 -10.67 4.78
C ALA B 83 -14.73 -9.21 4.50
N GLY B 84 -14.69 -8.37 5.52
CA GLY B 84 -14.56 -6.94 5.30
C GLY B 84 -13.24 -6.30 5.67
N ASP B 85 -12.25 -7.10 6.05
CA ASP B 85 -10.98 -6.56 6.51
C ASP B 85 -9.79 -7.14 5.73
N GLU B 86 -8.59 -6.75 6.12
CA GLU B 86 -7.38 -7.19 5.43
C GLU B 86 -7.06 -8.65 5.74
N ALA B 87 -7.11 -9.01 7.02
CA ALA B 87 -6.80 -10.38 7.43
C ALA B 87 -7.65 -11.40 6.69
N GLY B 88 -8.94 -11.10 6.55
CA GLY B 88 -9.84 -12.02 5.85
C GLY B 88 -9.48 -12.16 4.38
N THR B 89 -8.98 -11.08 3.79
CA THR B 89 -8.61 -11.10 2.39
C THR B 89 -7.32 -11.90 2.19
N ILE B 90 -6.34 -11.66 3.06
CA ILE B 90 -5.10 -12.43 3.04
C ILE B 90 -5.42 -13.92 3.17
N ASN B 91 -6.27 -14.27 4.12
CA ASN B 91 -6.65 -15.67 4.29
CA ASN B 91 -6.65 -15.67 4.29
C ASN B 91 -7.32 -16.26 3.05
N ALA B 92 -8.24 -15.51 2.47
CA ALA B 92 -8.93 -15.96 1.26
C ALA B 92 -7.94 -16.20 0.12
N PHE B 93 -7.03 -15.23 -0.09
CA PHE B 93 -6.03 -15.37 -1.14
C PHE B 93 -5.14 -16.59 -0.90
N GLN B 94 -4.67 -16.77 0.33
CA GLN B 94 -3.78 -17.89 0.62
C GLN B 94 -4.51 -19.22 0.42
N THR B 95 -5.77 -19.30 0.82
CA THR B 95 -6.55 -20.51 0.58
C THR B 95 -6.70 -20.81 -0.91
N LEU B 96 -7.05 -19.77 -1.68
CA LEU B 96 -7.23 -19.95 -3.12
C LEU B 96 -5.93 -20.39 -3.80
N ILE B 97 -4.81 -19.80 -3.38
CA ILE B 97 -3.53 -20.08 -3.99
C ILE B 97 -3.02 -21.47 -3.63
N ASN B 98 -3.12 -21.81 -2.35
CA ASN B 98 -2.48 -23.01 -1.83
C ASN B 98 -3.35 -24.25 -1.74
N LYS B 99 -4.59 -24.10 -1.31
CA LYS B 99 -5.51 -25.24 -1.25
C LYS B 99 -6.23 -25.45 -2.57
N ASP B 100 -6.77 -24.37 -3.13
CA ASP B 100 -7.60 -24.46 -4.32
C ASP B 100 -6.80 -24.44 -5.62
N LYS B 101 -5.51 -24.14 -5.53
CA LYS B 101 -4.61 -24.22 -6.68
CA LYS B 101 -4.61 -24.21 -6.67
C LYS B 101 -5.11 -23.42 -7.88
N VAL B 102 -5.65 -22.24 -7.64
CA VAL B 102 -6.25 -21.47 -8.73
C VAL B 102 -5.20 -20.92 -9.70
N VAL B 103 -5.60 -20.75 -10.95
CA VAL B 103 -4.71 -20.20 -11.96
C VAL B 103 -4.59 -18.69 -11.86
N GLY B 104 -5.56 -18.06 -11.19
CA GLY B 104 -5.61 -16.62 -11.05
C GLY B 104 -6.75 -16.26 -10.13
N ILE B 105 -6.73 -15.03 -9.63
CA ILE B 105 -7.74 -14.52 -8.72
C ILE B 105 -8.44 -13.30 -9.32
N VAL B 106 -9.76 -13.26 -9.14
CA VAL B 106 -10.54 -12.03 -9.32
C VAL B 106 -10.88 -11.54 -7.93
N GLY B 107 -10.47 -10.31 -7.61
CA GLY B 107 -10.74 -9.72 -6.32
C GLY B 107 -9.62 -8.80 -5.92
N PRO B 108 -9.66 -8.25 -4.69
CA PRO B 108 -10.77 -8.35 -3.75
C PRO B 108 -11.78 -7.24 -4.03
N THR B 109 -12.77 -7.06 -3.16
CA THR B 109 -13.73 -6.00 -3.37
C THR B 109 -13.11 -4.60 -3.17
N LEU B 110 -12.44 -4.39 -2.05
CA LEU B 110 -11.96 -3.05 -1.68
C LEU B 110 -10.50 -2.83 -1.98
N SER B 111 -10.18 -1.61 -2.43
CA SER B 111 -8.78 -1.21 -2.50
C SER B 111 -8.06 -1.34 -1.16
N GLN B 112 -8.74 -1.01 -0.07
CA GLN B 112 -8.17 -1.16 1.27
C GLN B 112 -7.64 -2.58 1.48
N GLN B 113 -8.42 -3.57 1.03
CA GLN B 113 -8.02 -4.96 1.14
C GLN B 113 -6.91 -5.31 0.17
N ALA B 114 -7.00 -4.80 -1.06
CA ALA B 114 -6.02 -5.08 -2.09
C ALA B 114 -4.60 -4.65 -1.72
N PHE B 115 -4.45 -3.48 -1.10
CA PHE B 115 -3.09 -3.03 -0.78
C PHE B 115 -2.39 -3.97 0.19
N SER B 116 -3.16 -4.63 1.05
CA SER B 116 -2.57 -5.58 1.98
CA SER B 116 -2.58 -5.61 1.98
C SER B 116 -2.39 -6.99 1.38
N ALA B 117 -3.41 -7.47 0.67
CA ALA B 117 -3.43 -8.85 0.18
C ALA B 117 -2.80 -9.06 -1.19
N ASN B 118 -2.94 -8.10 -2.10
CA ASN B 118 -2.38 -8.32 -3.42
C ASN B 118 -0.87 -8.61 -3.42
N PRO B 119 -0.08 -8.00 -2.52
CA PRO B 119 1.33 -8.39 -2.47
C PRO B 119 1.56 -9.88 -2.20
N ILE B 120 0.63 -10.56 -1.53
CA ILE B 120 0.71 -11.99 -1.31
C ILE B 120 0.70 -12.74 -2.64
N ALA B 121 -0.24 -12.37 -3.50
CA ALA B 121 -0.34 -12.97 -4.82
C ALA B 121 0.85 -12.58 -5.70
N GLU B 122 1.26 -11.32 -5.64
CA GLU B 122 2.43 -10.89 -6.38
C GLU B 122 3.65 -11.76 -6.03
N ARG B 123 3.89 -11.95 -4.75
CA ARG B 123 5.03 -12.73 -4.25
C ARG B 123 4.94 -14.18 -4.73
N ALA B 124 3.72 -14.72 -4.76
CA ALA B 124 3.47 -16.09 -5.17
C ALA B 124 3.41 -16.25 -6.70
N LYS B 125 3.51 -15.14 -7.43
CA LYS B 125 3.41 -15.15 -8.89
CA LYS B 125 3.40 -15.15 -8.90
C LYS B 125 2.08 -15.76 -9.37
N VAL B 126 1.00 -15.26 -8.80
CA VAL B 126 -0.36 -15.61 -9.14
C VAL B 126 -1.06 -14.34 -9.64
N PRO B 127 -1.63 -14.36 -10.86
CA PRO B 127 -2.28 -13.13 -11.33
C PRO B 127 -3.50 -12.77 -10.48
N VAL B 128 -3.68 -11.46 -10.33
CA VAL B 128 -4.87 -10.88 -9.73
C VAL B 128 -5.45 -9.89 -10.74
N VAL B 129 -6.76 -9.98 -10.97
CA VAL B 129 -7.47 -8.99 -11.76
C VAL B 129 -8.52 -8.36 -10.84
N GLY B 130 -8.29 -7.09 -10.51
CA GLY B 130 -9.18 -6.37 -9.62
C GLY B 130 -10.44 -5.95 -10.36
N PRO B 131 -11.60 -6.29 -9.78
CA PRO B 131 -12.87 -5.98 -10.45
C PRO B 131 -13.47 -4.65 -10.01
N SER B 132 -12.90 -3.99 -9.03
CA SER B 132 -13.56 -2.86 -8.36
C SER B 132 -12.61 -2.05 -7.53
N ASN B 133 -11.32 -2.15 -7.80
CA ASN B 133 -10.35 -1.47 -6.97
C ASN B 133 -9.87 -0.24 -7.70
N THR B 134 -10.35 0.92 -7.29
CA THR B 134 -10.20 2.13 -8.08
C THR B 134 -9.27 3.17 -7.45
N ALA B 135 -8.67 2.84 -6.31
CA ALA B 135 -7.71 3.75 -5.69
C ALA B 135 -6.45 3.90 -6.55
N LYS B 136 -5.83 5.06 -6.44
CA LYS B 136 -4.51 5.24 -7.04
C LYS B 136 -3.53 4.23 -6.48
N GLY B 137 -2.75 3.61 -7.36
CA GLY B 137 -1.68 2.73 -6.94
C GLY B 137 -1.90 1.23 -7.06
N ILE B 138 -3.10 0.80 -7.45
CA ILE B 138 -3.39 -0.62 -7.50
C ILE B 138 -2.52 -1.41 -8.50
N PRO B 139 -2.50 -1.02 -9.80
CA PRO B 139 -1.67 -1.80 -10.74
C PRO B 139 -0.18 -1.70 -10.41
N GLU B 140 0.23 -0.62 -9.76
CA GLU B 140 1.60 -0.39 -9.35
C GLU B 140 2.04 -1.35 -8.25
N ILE B 141 1.11 -2.09 -7.65
CA ILE B 141 1.49 -3.06 -6.62
C ILE B 141 2.48 -4.08 -7.18
N GLY B 142 2.33 -4.47 -8.45
CA GLY B 142 3.31 -5.36 -9.04
C GLY B 142 2.91 -5.88 -10.40
N ASP B 143 3.77 -6.75 -10.91
CA ASP B 143 3.67 -7.27 -12.28
C ASP B 143 2.56 -8.28 -12.49
N TYR B 144 1.96 -8.73 -11.40
CA TYR B 144 0.86 -9.70 -11.43
C TYR B 144 -0.48 -9.07 -11.07
N VAL B 145 -0.50 -7.76 -10.85
CA VAL B 145 -1.72 -7.07 -10.48
C VAL B 145 -2.23 -6.17 -11.60
N ALA B 146 -3.40 -6.52 -12.14
CA ALA B 146 -4.09 -5.70 -13.13
C ALA B 146 -5.47 -5.38 -12.59
N ARG B 147 -6.17 -4.45 -13.24
CA ARG B 147 -7.55 -4.18 -12.88
C ARG B 147 -8.37 -3.87 -14.11
N VAL B 148 -9.65 -4.23 -14.07
CA VAL B 148 -10.58 -3.83 -15.12
C VAL B 148 -11.44 -2.65 -14.69
N SER B 149 -11.26 -2.20 -13.45
CA SER B 149 -12.06 -1.11 -12.88
C SER B 149 -11.33 0.21 -13.02
N ALA B 150 -11.85 1.08 -13.89
CA ALA B 150 -11.22 2.36 -14.14
C ALA B 150 -11.08 3.16 -12.83
N PRO B 151 -9.96 3.87 -12.67
CA PRO B 151 -9.67 4.47 -11.36
C PRO B 151 -10.37 5.79 -11.09
N VAL B 152 -10.28 6.22 -9.84
CA VAL B 152 -10.94 7.42 -9.38
C VAL B 152 -10.58 8.66 -10.19
N SER B 153 -9.34 8.74 -10.67
CA SER B 153 -8.91 9.93 -11.39
C SER B 153 -9.66 10.10 -12.72
N VAL B 154 -10.14 9.00 -13.29
CA VAL B 154 -10.88 9.01 -14.55
CA VAL B 154 -10.89 9.11 -14.54
C VAL B 154 -12.39 9.07 -14.32
N VAL B 155 -12.86 8.38 -13.28
CA VAL B 155 -14.30 8.24 -13.06
C VAL B 155 -14.93 9.43 -12.32
N ALA B 156 -14.34 9.79 -11.18
CA ALA B 156 -14.96 10.79 -10.29
C ALA B 156 -15.26 12.17 -10.89
N PRO B 157 -14.35 12.73 -11.71
CA PRO B 157 -14.64 14.10 -12.18
C PRO B 157 -15.93 14.20 -12.96
N ASN B 158 -16.34 13.12 -13.62
CA ASN B 158 -17.55 13.19 -14.42
CA ASN B 158 -17.57 13.07 -14.41
C ASN B 158 -18.80 13.55 -13.64
N SER B 159 -18.91 13.11 -12.39
CA SER B 159 -20.11 13.46 -11.64
C SER B 159 -20.13 14.93 -11.22
N VAL B 160 -18.97 15.51 -10.95
CA VAL B 160 -18.91 16.94 -10.66
C VAL B 160 -19.35 17.72 -11.89
N LYS B 161 -18.83 17.33 -13.05
CA LYS B 161 -19.20 18.00 -14.30
C LYS B 161 -20.69 17.87 -14.58
N ALA B 162 -21.26 16.70 -14.31
CA ALA B 162 -22.69 16.49 -14.50
C ALA B 162 -23.54 17.32 -13.54
N ALA B 163 -23.09 17.46 -12.30
CA ALA B 163 -23.81 18.29 -11.33
C ALA B 163 -23.88 19.75 -11.79
N LEU B 164 -22.75 20.25 -12.30
CA LEU B 164 -22.68 21.62 -12.82
C LEU B 164 -23.55 21.82 -14.06
N LYS B 165 -23.59 20.82 -14.93
CA LYS B 165 -24.44 20.89 -16.10
C LYS B 165 -25.91 20.96 -15.67
N GLN B 166 -26.25 20.18 -14.66
CA GLN B 166 -27.62 20.16 -14.13
C GLN B 166 -28.01 21.46 -13.43
N ASN B 167 -27.09 22.01 -12.65
CA ASN B 167 -27.33 23.27 -11.95
C ASN B 167 -26.11 24.18 -12.04
N PRO B 168 -26.10 25.06 -13.04
CA PRO B 168 -24.97 25.97 -13.21
C PRO B 168 -24.80 26.96 -12.06
N ASN B 169 -25.78 27.05 -11.17
CA ASN B 169 -25.68 27.93 -10.01
C ASN B 169 -24.82 27.38 -8.87
N ILE B 170 -24.39 26.13 -8.98
CA ILE B 170 -23.53 25.55 -7.95
C ILE B 170 -22.22 26.32 -7.84
N LYS B 171 -21.92 26.81 -6.64
CA LYS B 171 -20.66 27.51 -6.37
C LYS B 171 -19.93 26.95 -5.15
N LYS B 172 -20.71 26.53 -4.14
CA LYS B 172 -20.13 26.09 -2.88
CA LYS B 172 -20.13 26.09 -2.88
C LYS B 172 -20.27 24.58 -2.68
N VAL B 173 -19.15 23.92 -2.41
CA VAL B 173 -19.14 22.47 -2.28
C VAL B 173 -18.59 22.02 -0.93
N ALA B 174 -19.34 21.15 -0.25
CA ALA B 174 -18.90 20.51 0.97
C ALA B 174 -18.53 19.06 0.64
N VAL B 175 -17.36 18.63 1.12
CA VAL B 175 -16.84 17.30 0.81
C VAL B 175 -16.70 16.47 2.08
N PHE B 176 -17.15 15.22 2.01
CA PHE B 176 -17.07 14.27 3.12
C PHE B 176 -16.30 13.04 2.67
N PHE B 177 -15.47 12.47 3.56
CA PHE B 177 -14.80 11.22 3.21
C PHE B 177 -14.52 10.33 4.41
N ALA B 178 -14.46 9.02 4.13
CA ALA B 178 -14.17 8.00 5.13
C ALA B 178 -12.65 7.87 5.30
N GLN B 179 -12.13 8.40 6.39
CA GLN B 179 -10.69 8.50 6.56
C GLN B 179 -10.01 7.17 6.83
N ASN B 180 -10.77 6.13 7.16
CA ASN B 180 -10.18 4.82 7.42
C ASN B 180 -10.07 3.95 6.18
N ASP B 181 -10.60 4.40 5.04
CA ASP B 181 -10.70 3.56 3.85
C ASP B 181 -9.80 4.10 2.73
N ALA B 182 -8.93 3.24 2.20
CA ALA B 182 -7.93 3.69 1.25
C ALA B 182 -8.55 4.29 -0.01
N PHE B 183 -9.55 3.61 -0.57
CA PHE B 183 -10.21 4.14 -1.75
C PHE B 183 -10.88 5.49 -1.48
N SER B 184 -11.54 5.62 -0.33
CA SER B 184 -12.27 6.85 -0.05
C SER B 184 -11.31 8.03 0.04
N LYS B 185 -10.14 7.81 0.62
CA LYS B 185 -9.13 8.86 0.69
C LYS B 185 -8.57 9.21 -0.68
N SER B 186 -8.41 8.20 -1.54
CA SER B 186 -7.94 8.44 -2.89
C SER B 186 -8.99 9.19 -3.71
N GLU B 187 -10.24 8.76 -3.57
CA GLU B 187 -11.34 9.38 -4.31
C GLU B 187 -11.54 10.83 -3.88
N THR B 188 -11.48 11.09 -2.58
CA THR B 188 -11.76 12.43 -2.12
C THR B 188 -10.71 13.42 -2.64
N GLU B 189 -9.48 12.97 -2.81
CA GLU B 189 -8.46 13.87 -3.34
CA GLU B 189 -8.43 13.82 -3.37
C GLU B 189 -8.82 14.29 -4.76
N ILE B 190 -9.32 13.34 -5.56
CA ILE B 190 -9.77 13.67 -6.91
C ILE B 190 -10.98 14.61 -6.89
N PHE B 191 -11.97 14.33 -6.04
CA PHE B 191 -13.13 15.21 -5.97
C PHE B 191 -12.71 16.63 -5.55
N GLN B 192 -11.86 16.74 -4.53
CA GLN B 192 -11.45 18.05 -4.05
C GLN B 192 -10.67 18.79 -5.12
N GLN B 193 -9.76 18.12 -5.80
CA GLN B 193 -9.01 18.77 -6.86
C GLN B 193 -9.91 19.19 -8.02
N THR B 194 -10.93 18.38 -8.30
CA THR B 194 -11.87 18.71 -9.36
C THR B 194 -12.69 19.96 -9.00
N VAL B 195 -13.16 20.01 -7.76
CA VAL B 195 -13.87 21.19 -7.26
C VAL B 195 -13.03 22.45 -7.43
N LYS B 196 -11.76 22.36 -7.04
CA LYS B 196 -10.86 23.50 -7.16
C LYS B 196 -10.60 23.84 -8.62
N ASP B 197 -10.30 22.82 -9.42
CA ASP B 197 -9.94 23.03 -10.82
C ASP B 197 -11.08 23.66 -11.61
N GLN B 198 -12.31 23.34 -11.22
CA GLN B 198 -13.52 23.90 -11.84
C GLN B 198 -13.84 25.32 -11.36
N GLY B 199 -13.11 25.82 -10.38
CA GLY B 199 -13.35 27.15 -9.85
C GLY B 199 -14.43 27.29 -8.80
N LEU B 200 -14.79 26.16 -8.19
CA LEU B 200 -15.79 26.16 -7.13
C LEU B 200 -15.14 26.38 -5.77
N GLU B 201 -15.96 26.72 -4.77
CA GLU B 201 -15.44 26.90 -3.43
CA GLU B 201 -15.48 26.91 -3.41
C GLU B 201 -15.50 25.59 -2.65
N LEU B 202 -14.42 25.29 -1.94
CA LEU B 202 -14.35 24.13 -1.07
C LEU B 202 -14.69 24.62 0.33
N VAL B 203 -15.97 24.62 0.65
CA VAL B 203 -16.40 25.27 1.87
C VAL B 203 -16.05 24.48 3.11
N THR B 204 -15.94 23.15 2.99
CA THR B 204 -15.47 22.33 4.10
C THR B 204 -15.07 20.95 3.62
N VAL B 205 -14.17 20.32 4.38
CA VAL B 205 -13.83 18.91 4.21
C VAL B 205 -14.09 18.24 5.56
N GLN B 206 -15.06 17.32 5.56
CA GLN B 206 -15.48 16.62 6.78
C GLN B 206 -15.06 15.15 6.70
N LYS B 207 -14.54 14.62 7.80
CA LYS B 207 -14.12 13.22 7.87
C LYS B 207 -15.12 12.39 8.69
N PHE B 208 -15.21 11.12 8.33
CA PHE B 208 -15.95 10.13 9.11
C PHE B 208 -15.24 8.79 8.96
N GLN B 209 -15.75 7.77 9.63
CA GLN B 209 -15.26 6.38 9.54
CA GLN B 209 -15.24 6.42 9.43
C GLN B 209 -16.36 5.53 8.92
N THR B 210 -15.98 4.51 8.15
CA THR B 210 -16.98 3.63 7.56
C THR B 210 -17.84 2.89 8.60
N THR B 211 -17.33 2.78 9.82
CA THR B 211 -18.04 2.11 10.90
C THR B 211 -18.99 3.04 11.65
N ASP B 212 -18.92 4.35 11.40
CA ASP B 212 -19.78 5.28 12.11
C ASP B 212 -21.25 5.08 11.76
N THR B 213 -22.12 5.38 12.71
CA THR B 213 -23.56 5.42 12.47
C THR B 213 -24.18 6.80 12.72
N ASP B 214 -23.46 7.69 13.39
CA ASP B 214 -23.94 9.04 13.72
C ASP B 214 -23.07 10.05 12.98
N PHE B 215 -23.68 10.81 12.07
CA PHE B 215 -22.99 11.83 11.29
C PHE B 215 -23.51 13.23 11.58
N GLN B 216 -24.21 13.40 12.69
CA GLN B 216 -24.91 14.65 12.95
C GLN B 216 -23.98 15.87 12.97
N SER B 217 -22.85 15.76 13.65
CA SER B 217 -22.00 16.94 13.79
C SER B 217 -21.41 17.36 12.46
N GLN B 218 -20.89 16.40 11.69
CA GLN B 218 -20.32 16.74 10.38
C GLN B 218 -21.37 17.29 9.43
N ALA B 219 -22.55 16.67 9.44
CA ALA B 219 -23.63 17.12 8.57
C ALA B 219 -24.04 18.55 8.90
N THR B 220 -24.20 18.83 10.19
CA THR B 220 -24.57 20.16 10.64
C THR B 220 -23.50 21.20 10.28
N ASN B 221 -22.24 20.86 10.48
CA ASN B 221 -21.20 21.82 10.14
CA ASN B 221 -21.10 21.71 10.10
C ASN B 221 -21.20 22.16 8.66
N ALA B 222 -21.45 21.18 7.80
CA ALA B 222 -21.58 21.45 6.37
C ALA B 222 -22.83 22.27 6.06
N ILE B 223 -23.96 21.85 6.61
CA ILE B 223 -25.23 22.51 6.34
C ILE B 223 -25.19 24.00 6.68
N ASN B 224 -24.50 24.34 7.77
CA ASN B 224 -24.44 25.73 8.18
C ASN B 224 -23.64 26.63 7.25
N LEU B 225 -22.86 26.03 6.35
CA LEU B 225 -22.13 26.76 5.32
C LEU B 225 -22.97 26.96 4.05
N LYS B 226 -24.19 26.42 4.05
CA LYS B 226 -25.11 26.52 2.92
C LYS B 226 -24.48 26.11 1.58
N PRO B 227 -23.97 24.88 1.51
CA PRO B 227 -23.39 24.44 0.24
C PRO B 227 -24.46 24.24 -0.83
N ASP B 228 -24.04 24.34 -2.08
CA ASP B 228 -24.90 24.02 -3.21
C ASP B 228 -24.77 22.56 -3.63
N LEU B 229 -23.66 21.95 -3.22
CA LEU B 229 -23.33 20.59 -3.61
C LEU B 229 -22.59 19.93 -2.45
N VAL B 230 -22.94 18.68 -2.18
CA VAL B 230 -22.24 17.86 -1.20
C VAL B 230 -21.71 16.64 -1.93
N ILE B 231 -20.45 16.29 -1.67
CA ILE B 231 -19.82 15.11 -2.27
C ILE B 231 -19.41 14.16 -1.16
N ILE B 232 -19.77 12.88 -1.31
CA ILE B 232 -19.49 11.87 -0.30
C ILE B 232 -18.65 10.73 -0.85
N SER B 233 -17.48 10.51 -0.25
CA SER B 233 -16.66 9.33 -0.53
C SER B 233 -16.63 8.43 0.69
N GLY B 234 -17.47 7.40 0.66
CA GLY B 234 -17.45 6.34 1.66
C GLY B 234 -17.86 5.06 0.99
N LEU B 235 -18.26 4.08 1.79
CA LEU B 235 -18.85 2.86 1.26
C LEU B 235 -20.38 2.93 1.34
N ALA B 236 -21.07 1.80 1.25
CA ALA B 236 -22.50 1.85 0.95
C ALA B 236 -23.38 2.10 2.18
N ALA B 237 -23.18 1.32 3.24
CA ALA B 237 -23.98 1.51 4.44
C ALA B 237 -23.71 2.87 5.07
N ASP B 238 -22.43 3.21 5.19
CA ASP B 238 -22.05 4.50 5.75
C ASP B 238 -22.47 5.66 4.83
N GLY B 239 -22.15 5.56 3.54
CA GLY B 239 -22.50 6.61 2.62
C GLY B 239 -24.00 6.85 2.54
N GLY B 240 -24.76 5.77 2.44
CA GLY B 240 -26.20 5.89 2.40
C GLY B 240 -26.78 6.53 3.65
N ASN B 241 -26.25 6.18 4.81
CA ASN B 241 -26.74 6.76 6.05
C ASN B 241 -26.35 8.23 6.20
N LEU B 242 -25.19 8.61 5.66
CA LEU B 242 -24.81 10.02 5.64
C LEU B 242 -25.76 10.81 4.73
N VAL B 243 -26.09 10.28 3.55
CA VAL B 243 -27.09 10.91 2.69
C VAL B 243 -28.40 11.11 3.46
N ARG B 244 -28.85 10.07 4.12
CA ARG B 244 -30.09 10.11 4.89
C ARG B 244 -30.04 11.23 5.94
N GLN B 245 -28.96 11.26 6.71
CA GLN B 245 -28.88 12.20 7.81
C GLN B 245 -28.76 13.65 7.33
N LEU B 246 -28.03 13.86 6.23
CA LEU B 246 -27.99 15.18 5.61
C LEU B 246 -29.38 15.66 5.23
N ARG B 247 -30.14 14.81 4.53
CA ARG B 247 -31.49 15.16 4.15
C ARG B 247 -32.40 15.40 5.37
N GLU B 248 -32.28 14.55 6.38
CA GLU B 248 -33.10 14.68 7.59
C GLU B 248 -32.84 16.01 8.29
N LEU B 249 -31.61 16.49 8.19
CA LEU B 249 -31.22 17.75 8.81
C LEU B 249 -31.52 18.97 7.93
N GLY B 250 -32.17 18.73 6.79
CA GLY B 250 -32.70 19.82 5.99
C GLY B 250 -31.88 20.24 4.79
N TYR B 251 -30.80 19.52 4.50
CA TYR B 251 -30.01 19.84 3.31
C TYR B 251 -30.82 19.54 2.06
N GLN B 252 -30.97 20.55 1.19
CA GLN B 252 -31.81 20.39 0.00
C GLN B 252 -31.03 20.50 -1.31
N GLY B 253 -29.71 20.67 -1.22
CA GLY B 253 -28.91 20.85 -2.41
C GLY B 253 -28.55 19.55 -3.10
N ALA B 254 -27.68 19.63 -4.09
CA ALA B 254 -27.28 18.45 -4.85
C ALA B 254 -26.34 17.57 -4.03
N ILE B 255 -26.36 16.28 -4.33
CA ILE B 255 -25.45 15.32 -3.70
C ILE B 255 -24.82 14.44 -4.77
N ILE B 256 -23.50 14.29 -4.68
CA ILE B 256 -22.77 13.27 -5.43
C ILE B 256 -22.31 12.21 -4.47
N GLY B 257 -22.55 10.95 -4.84
CA GLY B 257 -21.92 9.83 -4.17
C GLY B 257 -20.78 9.28 -5.01
N GLY B 258 -19.70 8.88 -4.37
CA GLY B 258 -18.62 8.18 -5.04
C GLY B 258 -18.93 6.72 -5.27
N ASP B 259 -17.92 5.98 -5.71
CA ASP B 259 -18.09 4.60 -6.15
C ASP B 259 -18.63 3.70 -5.04
N GLY B 260 -18.35 4.05 -3.78
CA GLY B 260 -18.81 3.23 -2.68
C GLY B 260 -20.30 3.27 -2.44
N LEU B 261 -20.99 4.26 -3.00
CA LEU B 261 -22.45 4.32 -2.94
C LEU B 261 -23.08 3.73 -4.19
N ASN B 262 -22.25 3.24 -5.12
CA ASN B 262 -22.72 2.84 -6.43
C ASN B 262 -23.27 1.41 -6.45
N THR B 263 -24.29 1.17 -5.65
CA THR B 263 -24.95 -0.11 -5.62
C THR B 263 -26.42 0.12 -5.32
N SER B 264 -27.28 -0.66 -5.94
CA SER B 264 -28.70 -0.54 -5.66
CA SER B 264 -28.71 -0.58 -5.67
C SER B 264 -29.01 -0.89 -4.20
N ASN B 265 -28.07 -1.56 -3.51
CA ASN B 265 -28.26 -1.80 -2.09
C ASN B 265 -28.32 -0.53 -1.27
N VAL B 266 -27.80 0.58 -1.82
CA VAL B 266 -27.88 1.85 -1.11
C VAL B 266 -29.33 2.34 -1.02
N PHE B 267 -30.18 1.90 -1.96
CA PHE B 267 -31.58 2.35 -1.96
C PHE B 267 -32.29 1.93 -0.67
N ALA B 268 -31.88 0.79 -0.13
CA ALA B 268 -32.48 0.27 1.10
C ALA B 268 -31.98 0.99 2.34
N VAL B 269 -30.99 1.86 2.19
CA VAL B 269 -30.43 2.61 3.31
C VAL B 269 -31.06 4.00 3.35
N CYS B 270 -30.89 4.77 2.29
CA CYS B 270 -31.45 6.13 2.30
C CYS B 270 -32.93 6.22 1.88
N LYS B 271 -33.49 5.13 1.35
CA LYS B 271 -34.91 5.10 0.99
CA LYS B 271 -34.91 5.09 0.97
C LYS B 271 -35.24 6.25 0.03
N ALA B 272 -36.39 6.91 0.20
CA ALA B 272 -36.71 8.01 -0.72
C ALA B 272 -35.68 9.14 -0.67
N LEU B 273 -34.97 9.24 0.45
CA LEU B 273 -33.95 10.27 0.60
C LEU B 273 -32.70 10.04 -0.26
N CYS B 274 -32.60 8.89 -0.92
CA CYS B 274 -31.57 8.68 -1.93
C CYS B 274 -31.84 9.45 -3.23
N ASP B 275 -33.08 9.91 -3.41
CA ASP B 275 -33.50 10.43 -4.70
C ASP B 275 -32.63 11.61 -5.15
N GLY B 276 -32.16 11.55 -6.39
CA GLY B 276 -31.40 12.64 -6.96
C GLY B 276 -29.89 12.54 -6.81
N VAL B 277 -29.41 11.61 -6.00
CA VAL B 277 -27.95 11.45 -5.84
C VAL B 277 -27.31 11.09 -7.19
N LEU B 278 -26.25 11.82 -7.52
CA LEU B 278 -25.50 11.59 -8.76
C LEU B 278 -24.30 10.71 -8.49
N ILE B 279 -24.13 9.68 -9.32
CA ILE B 279 -23.01 8.77 -9.16
C ILE B 279 -22.40 8.45 -10.52
N ALA B 280 -21.11 8.71 -10.68
CA ALA B 280 -20.40 8.38 -11.91
C ALA B 280 -20.38 6.88 -12.14
N GLN B 281 -20.29 6.50 -13.41
CA GLN B 281 -20.38 5.10 -13.81
C GLN B 281 -19.31 4.73 -14.84
N ALA B 282 -18.76 3.53 -14.70
CA ALA B 282 -17.81 2.98 -15.64
C ALA B 282 -18.45 1.89 -16.49
N TYR B 283 -19.78 1.94 -16.60
CA TYR B 283 -20.56 0.91 -17.28
C TYR B 283 -21.94 1.49 -17.59
N SER B 284 -22.51 1.14 -18.75
CA SER B 284 -23.90 1.46 -19.03
C SER B 284 -24.64 0.23 -19.55
N PRO B 285 -25.79 -0.10 -18.94
CA PRO B 285 -26.61 -1.21 -19.45
C PRO B 285 -26.99 -1.05 -20.92
N GLU B 286 -27.06 0.18 -21.40
CA GLU B 286 -27.50 0.46 -22.77
CA GLU B 286 -27.50 0.41 -22.78
C GLU B 286 -26.36 0.38 -23.81
N TYR B 287 -25.13 0.16 -23.34
CA TYR B 287 -24.03 0.02 -24.28
C TYR B 287 -24.32 -1.15 -25.22
N THR B 288 -24.14 -0.94 -26.53
CA THR B 288 -24.67 -1.86 -27.54
C THR B 288 -23.75 -3.01 -27.93
N GLY B 289 -22.63 -3.17 -27.25
CA GLY B 289 -21.74 -4.29 -27.52
C GLY B 289 -22.47 -5.61 -27.41
N GLU B 290 -22.15 -6.55 -28.30
CA GLU B 290 -22.79 -7.86 -28.33
CA GLU B 290 -22.85 -7.83 -28.31
C GLU B 290 -22.76 -8.59 -26.99
N ILE B 291 -21.58 -8.61 -26.36
CA ILE B 291 -21.47 -9.31 -25.10
C ILE B 291 -22.24 -8.60 -23.99
N ASN B 292 -22.33 -7.28 -24.05
CA ASN B 292 -23.14 -6.57 -23.07
C ASN B 292 -24.60 -6.94 -23.24
N LYS B 293 -25.05 -7.08 -24.48
CA LYS B 293 -26.42 -7.48 -24.73
C LYS B 293 -26.72 -8.82 -24.08
N ALA B 294 -25.79 -9.76 -24.21
CA ALA B 294 -25.97 -11.10 -23.64
C ALA B 294 -25.88 -11.06 -22.11
N PHE B 295 -24.90 -10.33 -21.60
CA PHE B 295 -24.75 -10.16 -20.16
C PHE B 295 -25.99 -9.52 -19.55
N ARG B 296 -26.45 -8.43 -20.17
CA ARG B 296 -27.62 -7.70 -19.69
C ARG B 296 -28.85 -8.59 -19.66
N GLN B 297 -29.06 -9.36 -20.74
CA GLN B 297 -30.24 -10.22 -20.80
C GLN B 297 -30.20 -11.25 -19.69
N ALA B 298 -29.03 -11.85 -19.45
CA ALA B 298 -28.90 -12.82 -18.37
C ALA B 298 -29.20 -12.16 -17.02
N TYR B 299 -28.67 -10.97 -16.80
CA TYR B 299 -28.89 -10.28 -15.54
C TYR B 299 -30.36 -9.94 -15.33
N VAL B 300 -30.98 -9.32 -16.33
CA VAL B 300 -32.36 -8.90 -16.22
C VAL B 300 -33.30 -10.10 -16.05
N ASP B 301 -33.01 -11.17 -16.76
CA ASP B 301 -33.83 -12.37 -16.66
C ASP B 301 -33.87 -12.89 -15.23
N GLN B 302 -32.72 -12.81 -14.54
CA GLN B 302 -32.61 -13.37 -13.20
C GLN B 302 -33.05 -12.41 -12.10
N TYR B 303 -32.67 -11.14 -12.23
CA TYR B 303 -32.84 -10.19 -11.12
C TYR B 303 -33.92 -9.13 -11.32
N LYS B 304 -34.47 -9.05 -12.52
CA LYS B 304 -35.56 -8.12 -12.84
C LYS B 304 -35.20 -6.64 -12.65
N LYS B 305 -33.90 -6.36 -12.56
CA LYS B 305 -33.38 -5.00 -12.50
C LYS B 305 -32.26 -4.93 -13.53
N GLU B 306 -31.88 -3.72 -13.93
CA GLU B 306 -30.76 -3.54 -14.84
C GLU B 306 -29.44 -3.92 -14.16
N PRO B 307 -28.48 -4.48 -14.93
CA PRO B 307 -27.19 -4.82 -14.33
C PRO B 307 -26.45 -3.59 -13.81
N PRO B 308 -25.97 -3.67 -12.58
CA PRO B 308 -25.17 -2.60 -11.99
C PRO B 308 -23.71 -2.67 -12.44
N GLN B 309 -23.03 -1.53 -12.33
CA GLN B 309 -21.61 -1.45 -12.65
C GLN B 309 -20.78 -2.58 -12.05
N PHE B 310 -20.95 -2.85 -10.76
CA PHE B 310 -20.11 -3.84 -10.12
C PHE B 310 -20.30 -5.24 -10.69
N SER B 311 -21.53 -5.55 -11.13
CA SER B 311 -21.79 -6.83 -11.76
CA SER B 311 -21.79 -6.84 -11.76
C SER B 311 -21.08 -6.93 -13.11
N ALA B 312 -21.16 -5.86 -13.89
CA ALA B 312 -20.52 -5.81 -15.20
C ALA B 312 -19.00 -5.92 -15.07
N GLN B 313 -18.43 -5.25 -14.07
CA GLN B 313 -17.00 -5.25 -13.89
C GLN B 313 -16.50 -6.63 -13.44
N ALA B 314 -17.26 -7.30 -12.58
CA ALA B 314 -16.91 -8.66 -12.20
C ALA B 314 -16.98 -9.62 -13.39
N PHE B 315 -18.03 -9.48 -14.21
CA PHE B 315 -18.12 -10.27 -15.43
C PHE B 315 -16.89 -10.03 -16.31
N ALA B 316 -16.53 -8.77 -16.49
CA ALA B 316 -15.39 -8.43 -17.33
C ALA B 316 -14.10 -9.06 -16.82
N ALA B 317 -13.91 -9.10 -15.50
CA ALA B 317 -12.71 -9.71 -14.93
C ALA B 317 -12.66 -11.21 -15.25
N VAL B 318 -13.79 -11.90 -15.10
CA VAL B 318 -13.84 -13.32 -15.47
C VAL B 318 -13.59 -13.50 -16.99
N GLN B 319 -14.19 -12.64 -17.79
CA GLN B 319 -13.98 -12.66 -19.24
C GLN B 319 -12.51 -12.52 -19.61
N VAL B 320 -11.79 -11.62 -18.96
CA VAL B 320 -10.37 -11.46 -19.21
C VAL B 320 -9.64 -12.79 -18.98
N TYR B 321 -9.93 -13.45 -17.87
CA TYR B 321 -9.32 -14.76 -17.63
C TYR B 321 -9.72 -15.81 -18.66
N VAL B 322 -11.01 -15.90 -18.99
CA VAL B 322 -11.44 -16.92 -19.95
C VAL B 322 -10.80 -16.71 -21.32
N GLU B 323 -10.85 -15.48 -21.81
CA GLU B 323 -10.32 -15.21 -23.14
C GLU B 323 -8.81 -15.33 -23.19
N SER B 324 -8.13 -14.95 -22.11
CA SER B 324 -6.69 -15.13 -22.02
CA SER B 324 -6.68 -15.12 -22.07
C SER B 324 -6.30 -16.60 -21.95
N LEU B 325 -7.06 -17.37 -21.17
CA LEU B 325 -6.83 -18.80 -21.13
C LEU B 325 -7.03 -19.44 -22.50
N LYS B 326 -8.08 -19.03 -23.23
CA LYS B 326 -8.31 -19.53 -24.57
C LYS B 326 -7.14 -19.21 -25.49
N ALA B 327 -6.66 -17.97 -25.40
CA ALA B 327 -5.57 -17.52 -26.27
C ALA B 327 -4.28 -18.27 -25.97
N LEU B 328 -3.99 -18.42 -24.68
CA LEU B 328 -2.80 -19.16 -24.25
C LEU B 328 -2.89 -20.62 -24.70
N ASP B 329 -4.03 -21.25 -24.42
CA ASP B 329 -4.25 -22.65 -24.71
C ASP B 329 -4.11 -22.94 -26.20
N THR B 330 -4.55 -22.00 -27.04
CA THR B 330 -4.42 -22.14 -28.50
C THR B 330 -2.94 -22.23 -28.89
N LYS B 331 -2.11 -21.41 -28.27
CA LYS B 331 -0.69 -21.37 -28.56
C LYS B 331 0.07 -22.55 -27.95
N ASN B 332 -0.27 -22.88 -26.71
CA ASN B 332 0.39 -23.95 -25.97
C ASN B 332 -0.63 -24.54 -25.01
N LYS B 333 -1.03 -25.78 -25.24
CA LYS B 333 -2.11 -26.40 -24.46
C LYS B 333 -1.86 -26.34 -22.97
N VAL B 334 -2.79 -25.76 -22.23
CA VAL B 334 -2.56 -25.51 -20.81
C VAL B 334 -2.53 -26.80 -19.99
N SER B 335 -3.07 -27.88 -20.54
CA SER B 335 -3.04 -29.17 -19.84
C SER B 335 -1.62 -29.73 -19.74
N LYS B 336 -0.71 -29.21 -20.57
CA LYS B 336 0.68 -29.67 -20.57
CA LYS B 336 0.67 -29.68 -20.56
C LYS B 336 1.54 -28.86 -19.61
N ILE B 337 0.98 -27.76 -19.09
CA ILE B 337 1.73 -26.80 -18.29
C ILE B 337 1.55 -26.98 -16.78
N GLN B 338 2.66 -27.05 -16.04
CA GLN B 338 2.59 -27.08 -14.58
C GLN B 338 2.04 -25.76 -14.03
N LEU B 339 1.44 -25.81 -12.86
CA LEU B 339 0.73 -24.66 -12.31
C LEU B 339 1.55 -23.36 -12.19
N PRO B 340 2.78 -23.43 -11.66
CA PRO B 340 3.50 -22.15 -11.54
C PRO B 340 3.75 -21.49 -12.91
N GLU B 341 4.09 -22.28 -13.91
CA GLU B 341 4.30 -21.76 -15.24
C GLU B 341 3.00 -21.29 -15.88
N LEU B 342 1.92 -22.03 -15.64
CA LEU B 342 0.61 -21.64 -16.16
C LEU B 342 0.21 -20.25 -15.62
N ARG B 343 0.40 -20.05 -14.32
CA ARG B 343 0.11 -18.77 -13.71
C ARG B 343 0.90 -17.63 -14.35
N THR B 344 2.20 -17.84 -14.52
CA THR B 344 3.05 -16.81 -15.09
C THR B 344 2.70 -16.54 -16.56
N GLU B 345 2.45 -17.60 -17.33
CA GLU B 345 2.09 -17.42 -18.73
C GLU B 345 0.71 -16.78 -18.88
N LEU B 346 -0.20 -17.11 -17.98
CA LEU B 346 -1.54 -16.52 -18.01
C LEU B 346 -1.48 -15.02 -17.72
N ASN B 347 -0.69 -14.65 -16.72
CA ASN B 347 -0.48 -13.25 -16.41
C ASN B 347 0.10 -12.50 -17.61
N LYS B 348 1.13 -13.06 -18.23
CA LYS B 348 1.73 -12.44 -19.40
C LYS B 348 0.72 -12.27 -20.53
N GLN B 349 -0.05 -13.32 -20.79
CA GLN B 349 -1.04 -13.31 -21.85
C GLN B 349 -2.12 -12.26 -21.59
N LEU B 350 -2.66 -12.22 -20.38
CA LEU B 350 -3.81 -11.36 -20.17
C LEU B 350 -3.47 -9.89 -20.37
N LEU B 351 -2.24 -9.51 -20.03
CA LEU B 351 -1.81 -8.12 -20.19
C LEU B 351 -1.74 -7.69 -21.65
N THR B 352 -1.62 -8.65 -22.57
CA THR B 352 -1.53 -8.35 -23.99
C THR B 352 -2.88 -8.31 -24.71
N GLY B 353 -3.94 -8.74 -24.04
CA GLY B 353 -5.20 -8.94 -24.73
C GLY B 353 -6.04 -7.70 -24.94
N LYS B 354 -6.95 -7.81 -25.92
CA LYS B 354 -7.98 -6.82 -26.17
C LYS B 354 -9.31 -7.55 -25.98
N TYR B 355 -10.23 -6.93 -25.24
CA TYR B 355 -11.45 -7.61 -24.81
C TYR B 355 -12.65 -6.73 -25.07
N ASN B 356 -13.65 -7.25 -25.79
N ASN B 356 -13.64 -7.30 -25.75
CA ASN B 356 -14.90 -6.51 -25.91
CA ASN B 356 -14.93 -6.65 -25.96
C ASN B 356 -15.85 -7.03 -24.86
C ASN B 356 -15.84 -7.08 -24.83
N THR B 357 -15.96 -6.24 -23.79
CA THR B 357 -16.62 -6.65 -22.56
C THR B 357 -17.91 -5.85 -22.34
N PRO B 358 -18.65 -6.14 -21.27
CA PRO B 358 -19.81 -5.28 -21.00
C PRO B 358 -19.43 -3.82 -20.78
N LEU B 359 -18.19 -3.57 -20.37
CA LEU B 359 -17.69 -2.22 -20.11
C LEU B 359 -17.27 -1.49 -21.38
N GLY B 360 -17.35 -2.18 -22.52
CA GLY B 360 -16.79 -1.68 -23.76
C GLY B 360 -15.51 -2.41 -24.10
N GLU B 361 -14.85 -1.92 -25.15
CA GLU B 361 -13.56 -2.47 -25.55
C GLU B 361 -12.50 -2.00 -24.58
N ILE B 362 -11.85 -2.94 -23.91
CA ILE B 362 -10.80 -2.60 -22.96
C ILE B 362 -9.53 -3.38 -23.27
N SER B 363 -8.44 -2.91 -22.70
CA SER B 363 -7.14 -3.55 -22.79
C SER B 363 -6.34 -3.06 -21.59
N PHE B 364 -5.06 -3.43 -21.53
CA PHE B 364 -4.21 -3.04 -20.43
C PHE B 364 -2.97 -2.35 -20.93
N THR B 365 -2.43 -1.44 -20.13
CA THR B 365 -1.08 -1.00 -20.34
C THR B 365 -0.14 -2.00 -19.66
N PRO B 366 1.17 -1.92 -19.95
CA PRO B 366 2.05 -2.96 -19.42
C PRO B 366 2.07 -3.05 -17.90
N ILE B 367 1.74 -1.96 -17.21
CA ILE B 367 1.70 -1.96 -15.74
C ILE B 367 0.41 -2.58 -15.18
N GLY B 368 -0.55 -2.89 -16.06
CA GLY B 368 -1.79 -3.51 -15.61
C GLY B 368 -2.94 -2.55 -15.39
N GLU B 369 -2.77 -1.30 -15.83
CA GLU B 369 -3.86 -0.34 -15.78
C GLU B 369 -4.85 -0.60 -16.90
N VAL B 370 -6.12 -0.38 -16.63
CA VAL B 370 -7.15 -0.57 -17.64
C VAL B 370 -7.17 0.61 -18.63
N VAL B 371 -7.42 0.28 -19.90
CA VAL B 371 -7.63 1.25 -20.95
C VAL B 371 -9.11 1.16 -21.30
N GLN B 372 -9.83 2.24 -21.06
CA GLN B 372 -11.28 2.28 -21.23
C GLN B 372 -11.69 3.69 -21.61
N LYS B 373 -12.50 3.82 -22.65
CA LYS B 373 -12.83 5.14 -23.18
C LYS B 373 -14.08 5.81 -22.58
N ASP B 374 -15.13 5.02 -22.36
CA ASP B 374 -16.45 5.61 -22.10
C ASP B 374 -16.90 5.55 -20.66
N PHE B 375 -17.36 6.70 -20.18
CA PHE B 375 -17.86 6.86 -18.81
C PHE B 375 -19.19 7.59 -18.85
N TYR B 376 -19.94 7.47 -17.77
CA TYR B 376 -21.29 8.00 -17.71
C TYR B 376 -21.53 8.56 -16.33
N VAL B 377 -22.69 9.20 -16.16
CA VAL B 377 -23.17 9.55 -14.83
C VAL B 377 -24.64 9.14 -14.77
N ALA B 378 -25.03 8.54 -13.66
CA ALA B 378 -26.41 8.19 -13.41
C ALA B 378 -26.93 8.90 -12.17
N GLN B 379 -28.24 8.99 -12.08
CA GLN B 379 -28.89 9.66 -10.97
C GLN B 379 -29.90 8.70 -10.35
N ILE B 380 -29.88 8.59 -9.03
CA ILE B 380 -30.82 7.70 -8.37
C ILE B 380 -32.22 8.27 -8.50
N LYS B 381 -33.14 7.44 -8.96
CA LYS B 381 -34.55 7.80 -9.01
C LYS B 381 -35.33 6.83 -8.12
N GLU B 383 -38.80 5.53 -6.07
CA GLU B 383 -40.26 5.55 -5.99
CA GLU B 383 -40.25 5.60 -6.03
C GLU B 383 -40.63 6.36 -4.77
N LYS B 384 -41.80 7.00 -4.81
CA LYS B 384 -42.21 7.94 -3.75
CA LYS B 384 -42.18 7.94 -3.75
C LYS B 384 -42.20 7.32 -2.35
N ASP B 385 -42.63 6.06 -2.27
CA ASP B 385 -42.68 5.39 -0.97
C ASP B 385 -41.32 4.86 -0.50
N GLY B 386 -40.29 5.03 -1.34
CA GLY B 386 -38.95 4.66 -0.96
C GLY B 386 -38.62 3.18 -1.07
N SER B 387 -39.56 2.38 -1.60
CA SER B 387 -39.42 0.92 -1.55
C SER B 387 -38.66 0.32 -2.73
N GLN B 388 -38.46 1.11 -3.78
CA GLN B 388 -37.74 0.65 -4.97
C GLN B 388 -37.06 1.86 -5.58
N GLY B 389 -35.96 1.62 -6.29
CA GLY B 389 -35.31 2.68 -7.04
C GLY B 389 -34.56 2.13 -8.23
N LYS B 390 -33.99 3.05 -9.00
CA LYS B 390 -33.19 2.70 -10.16
C LYS B 390 -32.19 3.80 -10.43
N PHE B 391 -31.21 3.47 -11.26
CA PHE B 391 -30.25 4.45 -11.74
C PHE B 391 -30.66 4.94 -13.12
N THR B 392 -30.94 6.22 -13.23
CA THR B 392 -31.27 6.82 -14.52
C THR B 392 -30.01 7.41 -15.13
N PHE B 393 -29.65 6.95 -16.31
CA PHE B 393 -28.44 7.44 -16.96
C PHE B 393 -28.68 8.78 -17.63
N LEU B 394 -27.79 9.72 -17.35
CA LEU B 394 -27.85 11.02 -17.99
C LEU B 394 -27.30 10.90 -19.40
N LYS B 395 -27.87 11.68 -20.31
CA LYS B 395 -27.43 11.64 -21.70
C LYS B 395 -26.31 12.64 -21.92
#